data_5ODO
#
_entry.id   5ODO
#
_cell.length_a   261.747
_cell.length_b   261.747
_cell.length_c   127.304
_cell.angle_alpha   90.00
_cell.angle_beta   90.00
_cell.angle_gamma   120.00
#
_symmetry.space_group_name_H-M   'P 65 2 2'
#
loop_
_entity.id
_entity.type
_entity.pdbx_description
1 polymer Isomerase
2 non-polymer GLYCEROL
3 non-polymer 'FORMIC ACID'
4 non-polymer 'MAGNESIUM ION'
5 water water
#
_entity_poly.entity_id   1
_entity_poly.type   'polypeptide(L)'
_entity_poly.pdbx_seq_one_letter_code
;HHHHHHSSGLVPRGSHMASMSSNLSHKAYMIGAGIGNLSAAVYLIRDGEWNGEDITIMGLDMHGANDGESAATFQHQYGH
RELGNDAGFINRGGRMLNEETYENLWDVLSAVPSLDNPGKSVTDDILDFDHAHPTHDVARLIDRDGIRNKGENDYKHMQF
DNKDRYLLTKLMTMPESDEAKLDDISIEQWFEETPHFFTTNFWYMWETTFAFKRVSSAMELRRYMNRMILEFSRIQTLAG
VTRSPYNQYESIILPMRTFLEGKGVKFVNELKITEFVFKDTPLRDEIIVTGLDYENVRTGEKGRIDVAEGDFVFDTNGSI
TDSSSIGDLDTPIVEDMRYAPSALLWKQATEHFYDLGNPDKFFGDRAQSEWTSFTVTTSSHELINEISRITKQLPGNALN
TFVDSNVLLSIVVHHQPHYHAQKENEGVFWGYCLFPRKDGDYVKKPFIEMTGREMLEETLGHLEALDESGTLAARRQEIM
DSVVNSIPSHMPYASALFNRRAVGDRPLVVPKHSKNLAFISQFAELPFDMVFTEQYSVRCAQVAVYKFLGIPEDKLTKMH
HYEKDPKVLAKAAVTMFR
;
_entity_poly.pdbx_strand_id   A,B
#
# COMPACT_ATOMS: atom_id res chain seq x y z
N SER A 25 17.98 -22.29 23.90
CA SER A 25 18.65 -21.13 23.33
C SER A 25 17.99 -20.64 22.04
N HIS A 26 17.99 -19.32 21.83
CA HIS A 26 17.42 -18.76 20.62
C HIS A 26 18.15 -19.28 19.40
N LYS A 27 17.42 -19.44 18.31
CA LYS A 27 17.98 -19.94 17.08
C LYS A 27 17.69 -18.97 15.95
N ALA A 28 18.51 -18.99 14.92
CA ALA A 28 18.28 -18.20 13.73
C ALA A 28 18.29 -19.10 12.52
N TYR A 29 17.39 -18.86 11.59
CA TYR A 29 17.27 -19.67 10.38
C TYR A 29 17.37 -18.75 9.18
N MET A 30 18.38 -18.96 8.35
CA MET A 30 18.60 -18.18 7.15
C MET A 30 18.15 -19.00 5.96
N ILE A 31 17.36 -18.40 5.09
CA ILE A 31 16.87 -19.07 3.89
C ILE A 31 17.54 -18.39 2.72
N GLY A 32 18.54 -19.03 2.16
CA GLY A 32 19.42 -18.44 1.16
C GLY A 32 20.77 -18.20 1.81
N ALA A 33 21.83 -18.43 1.05
CA ALA A 33 23.18 -18.38 1.61
C ALA A 33 24.04 -17.30 0.97
N GLY A 34 23.43 -16.33 0.31
CA GLY A 34 24.14 -15.23 -0.27
C GLY A 34 24.72 -14.31 0.79
N ILE A 35 25.38 -13.26 0.31
CA ILE A 35 26.18 -12.40 1.17
C ILE A 35 25.32 -11.72 2.22
N GLY A 36 24.03 -11.53 1.94
CA GLY A 36 23.16 -10.89 2.92
C GLY A 36 22.96 -11.72 4.17
N ASN A 37 22.55 -12.96 4.00
CA ASN A 37 22.35 -13.81 5.16
C ASN A 37 23.67 -14.17 5.84
N LEU A 38 24.74 -14.34 5.06
CA LEU A 38 26.04 -14.56 5.68
C LEU A 38 26.43 -13.38 6.55
N SER A 39 26.13 -12.17 6.08
CA SER A 39 26.47 -11.00 6.89
C SER A 39 25.59 -10.92 8.11
N ALA A 40 24.34 -11.39 8.00
CA ALA A 40 23.50 -11.47 9.19
C ALA A 40 24.13 -12.37 10.22
N ALA A 41 24.60 -13.54 9.81
CA ALA A 41 25.34 -14.41 10.72
C ALA A 41 26.51 -13.69 11.35
N VAL A 42 27.27 -12.94 10.55
CA VAL A 42 28.40 -12.22 11.12
C VAL A 42 27.92 -11.21 12.14
N TYR A 43 26.89 -10.44 11.79
CA TYR A 43 26.36 -9.45 12.72
C TYR A 43 25.86 -10.09 14.00
N LEU A 44 25.16 -11.20 13.88
CA LEU A 44 24.69 -11.90 15.06
C LEU A 44 25.86 -12.33 15.95
N ILE A 45 26.93 -12.85 15.36
CA ILE A 45 28.03 -13.37 16.15
C ILE A 45 28.85 -12.25 16.75
N ARG A 46 29.24 -11.27 15.94
CA ARG A 46 30.14 -10.23 16.42
C ARG A 46 29.42 -9.24 17.32
N ASP A 47 28.31 -8.68 16.86
CA ASP A 47 27.64 -7.65 17.60
C ASP A 47 26.58 -8.18 18.55
N GLY A 48 26.02 -9.35 18.28
CA GLY A 48 25.04 -9.92 19.17
C GLY A 48 25.57 -10.99 20.08
N GLU A 49 26.84 -11.35 19.95
CA GLU A 49 27.48 -12.33 20.82
C GLU A 49 26.71 -13.65 20.85
N TRP A 50 26.17 -14.03 19.70
CA TRP A 50 25.54 -15.31 19.54
C TRP A 50 26.60 -16.40 19.42
N ASN A 51 26.18 -17.65 19.57
CA ASN A 51 27.03 -18.78 19.22
C ASN A 51 26.66 -19.23 17.83
N GLY A 52 27.67 -19.51 17.02
CA GLY A 52 27.41 -19.96 15.68
C GLY A 52 26.53 -21.19 15.62
N GLU A 53 26.57 -22.01 16.67
CA GLU A 53 25.75 -23.22 16.70
C GLU A 53 24.27 -22.91 16.59
N ASP A 54 23.85 -21.72 17.00
CA ASP A 54 22.45 -21.33 16.98
C ASP A 54 21.98 -20.85 15.61
N ILE A 55 22.86 -20.76 14.63
CA ILE A 55 22.53 -20.24 13.32
C ILE A 55 22.57 -21.38 12.32
N THR A 56 21.51 -21.51 11.55
CA THR A 56 21.45 -22.47 10.47
C THR A 56 21.23 -21.71 9.18
N ILE A 57 22.10 -21.94 8.20
CA ILE A 57 22.01 -21.27 6.90
C ILE A 57 21.65 -22.33 5.88
N MET A 58 20.57 -22.11 5.17
CA MET A 58 20.06 -23.10 4.22
C MET A 58 20.17 -22.53 2.82
N GLY A 59 21.04 -23.11 2.00
CA GLY A 59 21.11 -22.80 0.59
C GLY A 59 20.69 -23.99 -0.26
N LEU A 60 20.91 -23.86 -1.54
CA LEU A 60 20.59 -24.95 -2.46
C LEU A 60 21.46 -24.88 -3.70
N ALA A 87 35.49 -28.42 -17.96
CA ALA A 87 36.66 -27.56 -17.84
C ALA A 87 36.33 -26.13 -18.18
N GLY A 88 37.12 -25.22 -17.66
CA GLY A 88 36.79 -23.83 -17.88
C GLY A 88 36.12 -23.24 -16.67
N PHE A 89 36.26 -21.93 -16.50
CA PHE A 89 35.72 -21.26 -15.34
C PHE A 89 34.39 -20.60 -15.68
N ILE A 90 33.63 -20.26 -14.64
CA ILE A 90 32.40 -19.51 -14.78
C ILE A 90 32.46 -18.35 -13.80
N ASN A 91 32.33 -17.14 -14.32
CA ASN A 91 32.42 -15.94 -13.50
C ASN A 91 31.13 -15.78 -12.72
N ARG A 92 31.14 -16.22 -11.48
CA ARG A 92 30.00 -16.06 -10.60
C ARG A 92 30.23 -14.89 -9.66
N GLY A 93 29.16 -14.19 -9.34
CA GLY A 93 29.15 -13.29 -8.20
C GLY A 93 29.19 -11.83 -8.63
N GLY A 94 29.29 -10.98 -7.62
CA GLY A 94 29.37 -9.57 -7.85
C GLY A 94 30.68 -9.18 -8.49
N ARG A 95 30.63 -8.14 -9.30
CA ARG A 95 31.78 -7.76 -10.10
C ARG A 95 32.48 -6.49 -9.63
N MET A 96 31.79 -5.62 -8.88
CA MET A 96 32.35 -4.34 -8.49
C MET A 96 32.25 -4.13 -7.00
N LEU A 97 32.98 -3.12 -6.53
CA LEU A 97 32.87 -2.55 -5.20
C LEU A 97 33.30 -1.10 -5.30
N ASN A 98 33.22 -0.38 -4.19
CA ASN A 98 33.57 1.02 -4.15
C ASN A 98 34.02 1.36 -2.73
N GLU A 99 35.26 1.81 -2.58
CA GLU A 99 35.78 2.01 -1.25
C GLU A 99 35.18 3.24 -0.58
N GLU A 100 34.63 4.17 -1.34
CA GLU A 100 33.99 5.35 -0.77
C GLU A 100 32.58 5.07 -0.27
N THR A 101 31.94 4.03 -0.77
CA THR A 101 30.61 3.56 -0.42
C THR A 101 30.76 2.31 0.43
N TYR A 102 29.81 1.38 0.31
CA TYR A 102 29.89 0.03 0.84
C TYR A 102 30.32 0.02 2.29
N GLU A 103 29.94 1.05 3.03
CA GLU A 103 30.37 1.18 4.41
C GLU A 103 30.09 -0.10 5.19
N ASN A 104 28.93 -0.71 4.94
CA ASN A 104 28.57 -1.91 5.68
C ASN A 104 29.43 -3.10 5.26
N LEU A 105 29.66 -3.25 3.96
CA LEU A 105 30.41 -4.39 3.47
C LEU A 105 31.83 -4.38 4.03
N TRP A 106 32.52 -3.24 3.97
CA TRP A 106 33.87 -3.15 4.52
C TRP A 106 33.89 -3.47 6.01
N ASP A 107 32.86 -3.04 6.74
CA ASP A 107 32.84 -3.29 8.18
C ASP A 107 32.60 -4.75 8.49
N VAL A 108 31.68 -5.39 7.78
CA VAL A 108 31.47 -6.82 7.99
C VAL A 108 32.73 -7.57 7.59
N LEU A 109 33.29 -7.25 6.44
CA LEU A 109 34.42 -7.98 5.93
C LEU A 109 35.69 -7.69 6.70
N SER A 110 35.69 -6.65 7.52
CA SER A 110 36.82 -6.43 8.41
C SER A 110 36.88 -7.41 9.56
N ALA A 111 35.89 -8.29 9.71
CA ALA A 111 35.90 -9.27 10.76
C ALA A 111 36.07 -10.69 10.23
N VAL A 112 36.22 -10.83 8.93
CA VAL A 112 36.43 -12.12 8.28
C VAL A 112 37.91 -12.22 7.93
N PRO A 113 38.62 -13.22 8.40
CA PRO A 113 40.04 -13.35 8.07
C PRO A 113 40.23 -13.79 6.64
N SER A 114 41.33 -13.35 6.05
CA SER A 114 41.69 -13.76 4.70
C SER A 114 42.15 -15.20 4.70
N LEU A 115 41.65 -15.98 3.76
CA LEU A 115 42.10 -17.35 3.60
C LEU A 115 43.47 -17.45 2.95
N ASP A 116 43.97 -16.36 2.37
CA ASP A 116 45.24 -16.34 1.67
C ASP A 116 46.36 -15.75 2.49
N ASN A 117 46.12 -14.65 3.16
CA ASN A 117 47.17 -13.93 3.86
C ASN A 117 46.97 -14.00 5.35
N PRO A 118 47.86 -14.67 6.08
CA PRO A 118 47.74 -14.69 7.54
C PRO A 118 47.66 -13.27 8.08
N GLY A 119 46.80 -13.06 9.07
CA GLY A 119 46.71 -11.80 9.74
C GLY A 119 46.03 -10.68 8.96
N LYS A 120 45.40 -10.97 7.84
CA LYS A 120 44.66 -9.96 7.11
C LYS A 120 43.16 -10.27 7.09
N SER A 121 42.36 -9.23 7.23
CA SER A 121 40.93 -9.35 7.03
C SER A 121 40.63 -9.31 5.54
N VAL A 122 39.46 -9.79 5.16
CA VAL A 122 39.06 -9.75 3.76
C VAL A 122 39.04 -8.31 3.25
N THR A 123 38.67 -7.37 4.09
CA THR A 123 38.76 -5.96 3.71
C THR A 123 40.20 -5.56 3.41
N ASP A 124 41.13 -5.99 4.25
CA ASP A 124 42.53 -5.69 4.02
C ASP A 124 43.00 -6.28 2.70
N ASP A 125 42.68 -7.54 2.45
CA ASP A 125 43.03 -8.14 1.18
C ASP A 125 42.53 -7.31 0.02
N ILE A 126 41.25 -6.94 0.06
CA ILE A 126 40.63 -6.29 -1.08
C ILE A 126 41.23 -4.91 -1.30
N LEU A 127 41.39 -4.14 -0.22
CA LEU A 127 41.88 -2.78 -0.42
C LEU A 127 43.37 -2.77 -0.75
N ASP A 128 44.16 -3.63 -0.10
CA ASP A 128 45.58 -3.70 -0.45
C ASP A 128 45.75 -4.06 -1.92
N PHE A 129 44.99 -5.02 -2.41
CA PHE A 129 45.07 -5.34 -3.83
C PHE A 129 44.72 -4.14 -4.69
N ASP A 130 43.54 -3.55 -4.45
CA ASP A 130 43.03 -2.54 -5.36
C ASP A 130 43.93 -1.32 -5.39
N HIS A 131 44.49 -0.94 -4.25
CA HIS A 131 45.38 0.20 -4.22
C HIS A 131 46.59 -0.03 -5.11
N ALA A 132 47.06 -1.27 -5.20
CA ALA A 132 48.19 -1.60 -6.05
C ALA A 132 47.79 -1.89 -7.48
N HIS A 133 46.51 -1.85 -7.80
CA HIS A 133 46.05 -2.13 -9.17
C HIS A 133 45.02 -1.09 -9.56
N PRO A 134 45.42 0.17 -9.65
CA PRO A 134 44.44 1.22 -9.93
C PRO A 134 43.86 1.07 -11.32
N THR A 135 42.63 1.52 -11.47
CA THR A 135 41.87 1.33 -12.69
C THR A 135 41.87 2.62 -13.51
N HIS A 136 42.08 2.47 -14.81
CA HIS A 136 41.93 3.58 -15.72
C HIS A 136 41.46 2.99 -17.05
N ASP A 137 40.16 2.91 -17.20
CA ASP A 137 39.59 2.37 -18.42
C ASP A 137 39.99 3.27 -19.58
N VAL A 138 40.46 2.68 -20.67
CA VAL A 138 40.83 3.43 -21.86
C VAL A 138 39.83 3.23 -22.97
N ALA A 139 39.68 2.01 -23.45
CA ALA A 139 38.65 1.73 -24.44
C ALA A 139 37.30 1.42 -23.75
N ARG A 140 36.80 2.40 -23.01
CA ARG A 140 35.50 2.24 -22.37
C ARG A 140 34.39 2.13 -23.40
N LEU A 141 34.41 3.01 -24.40
CA LEU A 141 33.42 2.98 -25.48
C LEU A 141 34.14 2.78 -26.80
N ILE A 142 33.61 1.88 -27.63
CA ILE A 142 34.19 1.55 -28.93
C ILE A 142 33.08 1.51 -29.95
N ASP A 143 33.14 2.41 -30.94
CA ASP A 143 32.15 2.39 -32.01
C ASP A 143 32.80 1.93 -33.30
N ARG A 144 32.02 1.96 -34.38
CA ARG A 144 32.49 1.38 -35.63
C ARG A 144 33.72 2.08 -36.17
N ASP A 145 34.04 3.27 -35.67
CA ASP A 145 35.23 3.98 -36.11
C ASP A 145 36.42 3.79 -35.19
N GLY A 146 36.22 3.37 -33.95
CA GLY A 146 37.33 3.10 -33.08
C GLY A 146 37.03 3.50 -31.67
N ILE A 147 38.08 3.71 -30.90
CA ILE A 147 37.98 3.99 -29.48
C ILE A 147 37.60 5.45 -29.30
N ARG A 148 36.62 5.70 -28.43
CA ARG A 148 36.22 7.05 -28.08
C ARG A 148 37.17 7.62 -27.02
N ASN A 149 38.44 7.58 -27.38
N ASN A 149 38.45 7.60 -27.34
CA ASN A 149 39.55 8.11 -26.59
CA ASN A 149 39.46 8.18 -26.46
C ASN A 149 39.82 9.57 -26.87
C ASN A 149 39.83 9.60 -26.86
N LYS A 150 39.37 10.06 -28.02
CA LYS A 150 39.73 11.37 -28.51
C LYS A 150 38.60 11.90 -29.37
N GLY A 151 38.66 13.19 -29.65
CA GLY A 151 37.77 13.75 -30.64
C GLY A 151 36.45 14.24 -30.10
N GLU A 152 35.45 14.24 -30.98
CA GLU A 152 34.15 14.81 -30.64
C GLU A 152 33.37 13.87 -29.74
N ASN A 153 33.51 12.57 -29.94
CA ASN A 153 32.86 11.57 -29.12
C ASN A 153 33.73 11.11 -27.97
N ASP A 154 34.77 11.87 -27.63
CA ASP A 154 35.63 11.56 -26.50
C ASP A 154 34.79 11.22 -25.28
N TYR A 155 35.15 10.12 -24.62
CA TYR A 155 34.32 9.68 -23.52
C TYR A 155 34.41 10.61 -22.31
N LYS A 156 35.22 11.64 -22.35
CA LYS A 156 35.14 12.65 -21.30
C LYS A 156 33.93 13.55 -21.48
N HIS A 157 33.28 13.50 -22.64
CA HIS A 157 32.09 14.30 -22.92
C HIS A 157 30.85 13.49 -22.56
N MET A 158 30.09 13.98 -21.58
CA MET A 158 28.81 13.36 -21.29
C MET A 158 27.88 13.45 -22.49
N GLN A 159 27.97 14.54 -23.24
CA GLN A 159 27.21 14.82 -24.47
C GLN A 159 25.77 15.22 -24.18
N PHE A 160 25.56 15.97 -23.10
CA PHE A 160 24.22 16.31 -22.64
C PHE A 160 23.66 17.53 -23.35
N ASP A 161 22.35 17.48 -23.64
CA ASP A 161 21.55 18.65 -23.98
C ASP A 161 21.50 19.64 -22.84
N ASN A 162 20.82 20.76 -23.07
CA ASN A 162 20.31 21.52 -21.94
C ASN A 162 19.06 20.87 -21.38
N LYS A 163 18.26 20.24 -22.23
CA LYS A 163 17.12 19.46 -21.77
C LYS A 163 17.58 18.26 -20.96
N ASP A 164 18.60 17.57 -21.45
CA ASP A 164 19.12 16.42 -20.71
C ASP A 164 19.58 16.83 -19.32
N ARG A 165 20.27 17.95 -19.17
CA ARG A 165 20.72 18.31 -17.83
C ARG A 165 19.58 18.79 -16.97
N TYR A 166 18.56 19.39 -17.56
CA TYR A 166 17.44 19.86 -16.75
C TYR A 166 16.73 18.68 -16.12
N LEU A 167 16.33 17.71 -16.95
CA LEU A 167 15.67 16.52 -16.43
C LEU A 167 16.56 15.76 -15.48
N LEU A 168 17.83 15.53 -15.86
CA LEU A 168 18.73 14.78 -14.98
C LEU A 168 18.94 15.51 -13.67
N THR A 169 19.02 16.84 -13.70
CA THR A 169 19.17 17.57 -12.46
C THR A 169 17.89 17.55 -11.65
N LYS A 170 16.72 17.55 -12.29
CA LYS A 170 15.49 17.46 -11.53
C LYS A 170 15.43 16.13 -10.81
N LEU A 171 15.70 15.05 -11.55
CA LEU A 171 15.72 13.72 -10.95
C LEU A 171 16.73 13.65 -9.81
N MET A 172 17.92 14.18 -10.00
CA MET A 172 18.94 14.06 -8.96
C MET A 172 18.54 14.79 -7.69
N THR A 173 17.84 15.90 -7.82
CA THR A 173 17.60 16.80 -6.70
C THR A 173 16.28 16.55 -6.01
N MET A 174 15.42 15.73 -6.59
CA MET A 174 14.24 15.24 -5.92
C MET A 174 14.62 14.64 -4.57
N PRO A 175 13.96 15.04 -3.49
CA PRO A 175 14.33 14.53 -2.17
C PRO A 175 13.93 13.08 -1.98
N GLU A 176 14.69 12.39 -1.13
CA GLU A 176 14.40 10.99 -0.85
C GLU A 176 12.95 10.82 -0.42
N SER A 177 12.45 11.76 0.37
CA SER A 177 11.09 11.67 0.86
C SER A 177 10.05 11.74 -0.24
N ASP A 178 10.44 12.09 -1.46
CA ASP A 178 9.51 12.20 -2.56
C ASP A 178 9.61 11.05 -3.55
N GLU A 179 10.38 10.01 -3.22
CA GLU A 179 10.69 8.98 -4.20
C GLU A 179 9.43 8.35 -4.79
N ALA A 180 8.36 8.28 -4.00
CA ALA A 180 7.16 7.64 -4.51
C ALA A 180 6.61 8.35 -5.73
N LYS A 181 6.98 9.62 -5.93
CA LYS A 181 6.58 10.32 -7.14
C LYS A 181 7.08 9.64 -8.39
N LEU A 182 8.06 8.75 -8.26
CA LEU A 182 8.63 8.06 -9.39
C LEU A 182 7.99 6.72 -9.66
N ASP A 183 7.03 6.30 -8.84
CA ASP A 183 6.37 5.01 -8.95
C ASP A 183 6.13 4.62 -10.41
N ASP A 184 6.69 3.48 -10.80
CA ASP A 184 6.47 2.85 -12.09
C ASP A 184 6.95 3.68 -13.25
N ILE A 185 7.72 4.72 -13.00
CA ILE A 185 8.28 5.53 -14.08
C ILE A 185 9.62 4.93 -14.50
N SER A 186 9.73 4.60 -15.77
CA SER A 186 10.98 4.11 -16.30
C SER A 186 11.91 5.27 -16.63
N ILE A 187 13.17 4.94 -16.93
CA ILE A 187 14.10 5.96 -17.37
C ILE A 187 13.67 6.50 -18.74
N GLU A 188 13.25 5.61 -19.62
CA GLU A 188 12.68 6.00 -20.90
C GLU A 188 11.60 7.05 -20.73
N GLN A 189 10.70 6.84 -19.77
CA GLN A 189 9.58 7.75 -19.57
C GLN A 189 10.04 9.08 -19.00
N TRP A 190 10.90 9.05 -17.99
CA TRP A 190 11.31 10.30 -17.38
C TRP A 190 12.03 11.19 -18.38
N PHE A 191 12.79 10.60 -19.29
CA PHE A 191 13.43 11.34 -20.38
C PHE A 191 12.64 11.23 -21.67
N GLU A 192 11.32 11.14 -21.56
CA GLU A 192 10.48 11.04 -22.75
C GLU A 192 10.60 12.26 -23.63
N GLU A 193 10.76 13.44 -23.02
CA GLU A 193 10.77 14.67 -23.80
C GLU A 193 12.08 14.91 -24.52
N THR A 194 13.18 14.29 -24.08
CA THR A 194 14.50 14.52 -24.66
C THR A 194 15.14 13.19 -25.02
N PRO A 195 14.68 12.56 -26.10
CA PRO A 195 15.29 11.30 -26.53
C PRO A 195 16.77 11.41 -26.84
N HIS A 196 17.30 12.62 -27.01
CA HIS A 196 18.72 12.77 -27.26
C HIS A 196 19.55 12.13 -26.16
N PHE A 197 19.00 12.09 -24.94
CA PHE A 197 19.68 11.48 -23.81
C PHE A 197 20.17 10.07 -24.11
N PHE A 198 19.34 9.27 -24.78
CA PHE A 198 19.71 7.90 -25.03
C PHE A 198 20.65 7.76 -26.19
N THR A 199 21.29 8.84 -26.61
CA THR A 199 22.36 8.78 -27.58
C THR A 199 23.67 9.30 -27.03
N THR A 200 23.70 9.68 -25.76
CA THR A 200 24.88 10.30 -25.17
C THR A 200 25.88 9.26 -24.68
N ASN A 201 27.14 9.68 -24.58
CA ASN A 201 28.13 8.85 -23.94
C ASN A 201 27.67 8.41 -22.57
N PHE A 202 27.06 9.33 -21.81
CA PHE A 202 26.67 9.00 -20.44
C PHE A 202 25.72 7.83 -20.40
N TRP A 203 24.74 7.81 -21.29
CA TRP A 203 23.81 6.69 -21.28
C TRP A 203 24.53 5.39 -21.59
N TYR A 204 25.34 5.39 -22.65
CA TYR A 204 26.07 4.18 -23.00
C TYR A 204 26.95 3.70 -21.86
N MET A 205 27.64 4.61 -21.20
CA MET A 205 28.48 4.17 -20.09
C MET A 205 27.64 3.70 -18.92
N TRP A 206 26.59 4.46 -18.58
CA TRP A 206 25.83 4.14 -17.39
C TRP A 206 25.03 2.86 -17.55
N GLU A 207 24.42 2.66 -18.72
CA GLU A 207 23.62 1.46 -18.86
C GLU A 207 24.49 0.21 -18.87
N THR A 208 25.69 0.27 -19.41
CA THR A 208 26.51 -0.93 -19.47
C THR A 208 27.28 -1.17 -18.18
N THR A 209 27.60 -0.09 -17.46
CA THR A 209 28.29 -0.27 -16.18
C THR A 209 27.46 -1.11 -15.23
N PHE A 210 26.17 -0.86 -15.18
CA PHE A 210 25.30 -1.52 -14.21
C PHE A 210 24.30 -2.47 -14.84
N ALA A 211 24.29 -2.62 -16.15
CA ALA A 211 23.31 -3.45 -16.84
C ALA A 211 21.89 -2.94 -16.55
N PHE A 212 21.68 -1.68 -16.88
CA PHE A 212 20.39 -1.02 -16.81
C PHE A 212 19.78 -0.96 -18.19
N LYS A 213 18.48 -1.13 -18.26
CA LYS A 213 17.78 -0.89 -19.51
C LYS A 213 17.03 0.42 -19.41
N ARG A 214 16.64 0.95 -20.56
CA ARG A 214 15.86 2.19 -20.53
C ARG A 214 14.47 1.98 -19.97
N VAL A 215 13.97 0.75 -20.01
CA VAL A 215 12.64 0.41 -19.51
C VAL A 215 12.68 0.17 -18.01
N SER A 216 13.81 0.43 -17.38
CA SER A 216 13.98 0.09 -15.98
C SER A 216 13.65 1.27 -15.09
N SER A 217 13.69 1.03 -13.78
CA SER A 217 13.18 1.98 -12.81
C SER A 217 14.06 3.22 -12.74
N ALA A 218 13.43 4.37 -12.98
CA ALA A 218 14.11 5.65 -12.81
C ALA A 218 14.49 5.93 -11.37
N MET A 219 13.95 5.19 -10.39
CA MET A 219 14.32 5.43 -9.01
C MET A 219 15.80 5.17 -8.77
N GLU A 220 16.34 4.13 -9.40
CA GLU A 220 17.72 3.76 -9.13
C GLU A 220 18.68 4.78 -9.73
N LEU A 221 18.38 5.25 -10.93
CA LEU A 221 19.17 6.32 -11.52
C LEU A 221 19.25 7.50 -10.60
N ARG A 222 18.15 7.82 -9.92
CA ARG A 222 18.20 8.87 -8.93
C ARG A 222 19.11 8.49 -7.77
N ARG A 223 18.98 7.26 -7.29
CA ARG A 223 19.81 6.83 -6.18
C ARG A 223 21.28 6.78 -6.59
N TYR A 224 21.55 6.42 -7.84
CA TYR A 224 22.92 6.48 -8.33
C TYR A 224 23.49 7.88 -8.19
N MET A 225 22.79 8.87 -8.75
CA MET A 225 23.28 10.25 -8.74
C MET A 225 23.42 10.83 -7.35
N ASN A 226 22.91 10.16 -6.33
CA ASN A 226 23.08 10.62 -4.96
C ASN A 226 24.05 9.76 -4.18
N ARG A 227 23.87 8.45 -4.20
CA ARG A 227 24.79 7.58 -3.50
C ARG A 227 26.15 7.56 -4.19
N MET A 228 26.16 7.49 -5.52
CA MET A 228 27.37 7.39 -6.30
C MET A 228 27.82 8.72 -6.87
N ILE A 229 27.44 9.83 -6.24
CA ILE A 229 27.72 11.14 -6.82
C ILE A 229 29.20 11.30 -7.14
N LEU A 230 30.08 10.85 -6.24
CA LEU A 230 31.51 10.98 -6.45
C LEU A 230 31.95 10.29 -7.73
N GLU A 231 31.30 9.20 -8.10
CA GLU A 231 31.71 8.49 -9.29
C GLU A 231 31.22 9.14 -10.56
N PHE A 232 30.37 10.16 -10.46
CA PHE A 232 29.82 10.77 -11.66
C PHE A 232 30.93 11.39 -12.51
N SER A 233 31.82 12.16 -11.88
CA SER A 233 32.90 12.79 -12.61
C SER A 233 33.92 11.80 -13.14
N ARG A 234 34.01 10.60 -12.58
CA ARG A 234 34.96 9.60 -13.05
C ARG A 234 34.26 8.37 -13.57
N ILE A 235 33.08 8.53 -14.16
CA ILE A 235 32.40 7.35 -14.65
C ILE A 235 33.08 6.77 -15.87
N GLN A 236 33.82 7.57 -16.62
CA GLN A 236 34.36 7.10 -17.90
C GLN A 236 35.64 6.30 -17.72
N THR A 237 36.42 6.62 -16.71
CA THR A 237 37.61 5.85 -16.38
C THR A 237 37.34 4.74 -15.40
N LEU A 238 36.21 4.77 -14.71
CA LEU A 238 35.88 3.81 -13.67
C LEU A 238 36.99 3.72 -12.64
N ALA A 239 37.73 4.81 -12.46
CA ALA A 239 38.81 4.84 -11.50
C ALA A 239 38.32 4.67 -10.07
N GLY A 240 37.02 4.79 -9.83
CA GLY A 240 36.52 4.64 -8.48
C GLY A 240 36.16 3.21 -8.14
N VAL A 241 36.01 2.37 -9.16
CA VAL A 241 35.75 0.96 -8.95
C VAL A 241 36.85 0.34 -8.11
N THR A 242 36.45 -0.46 -7.14
CA THR A 242 37.36 -1.19 -6.26
C THR A 242 37.20 -2.67 -6.56
N ARG A 243 38.31 -3.35 -6.89
CA ARG A 243 38.27 -4.76 -7.23
C ARG A 243 38.92 -5.58 -6.14
N SER A 244 38.42 -6.77 -5.96
CA SER A 244 39.04 -7.78 -5.12
C SER A 244 40.04 -8.58 -5.95
N PRO A 245 40.99 -9.28 -5.31
CA PRO A 245 42.01 -9.98 -6.09
C PRO A 245 41.46 -11.02 -7.04
N TYR A 246 40.49 -11.79 -6.60
CA TYR A 246 39.87 -12.80 -7.45
C TYR A 246 38.39 -12.50 -7.55
N ASN A 247 37.67 -13.37 -8.25
CA ASN A 247 36.24 -13.20 -8.32
C ASN A 247 35.65 -13.29 -6.93
N GLN A 248 34.50 -12.64 -6.75
CA GLN A 248 34.05 -12.39 -5.39
C GLN A 248 33.57 -13.64 -4.69
N TYR A 249 33.15 -14.65 -5.43
CA TYR A 249 32.83 -15.91 -4.78
C TYR A 249 34.02 -16.44 -4.02
N GLU A 250 35.20 -16.39 -4.63
CA GLU A 250 36.40 -16.86 -3.96
C GLU A 250 36.98 -15.83 -3.01
N SER A 251 36.86 -14.55 -3.33
CA SER A 251 37.46 -13.52 -2.50
C SER A 251 36.59 -13.13 -1.31
N ILE A 252 35.29 -13.31 -1.40
CA ILE A 252 34.36 -12.87 -0.35
C ILE A 252 33.57 -14.03 0.21
N ILE A 253 32.90 -14.80 -0.64
CA ILE A 253 31.94 -15.77 -0.15
C ILE A 253 32.62 -16.85 0.69
N LEU A 254 33.65 -17.50 0.13
CA LEU A 254 34.27 -18.62 0.82
C LEU A 254 35.01 -18.20 2.07
N PRO A 255 35.73 -17.09 2.09
CA PRO A 255 36.21 -16.60 3.38
C PRO A 255 35.10 -16.45 4.40
N MET A 256 33.94 -15.98 3.96
CA MET A 256 32.82 -15.79 4.88
C MET A 256 32.29 -17.12 5.39
N ARG A 257 32.05 -18.08 4.49
CA ARG A 257 31.52 -19.36 4.93
C ARG A 257 32.50 -20.06 5.84
N THR A 258 33.78 -19.95 5.52
CA THR A 258 34.80 -20.61 6.32
C THR A 258 34.83 -20.03 7.73
N PHE A 259 34.84 -18.71 7.84
CA PHE A 259 34.82 -18.07 9.14
C PHE A 259 33.60 -18.49 9.94
N LEU A 260 32.43 -18.49 9.29
CA LEU A 260 31.20 -18.84 9.98
C LEU A 260 31.22 -20.30 10.40
N GLU A 261 31.60 -21.19 9.49
CA GLU A 261 31.74 -22.60 9.82
C GLU A 261 32.67 -22.81 11.00
N GLY A 262 33.73 -22.01 11.08
CA GLY A 262 34.62 -22.11 12.22
C GLY A 262 34.00 -21.64 13.51
N LYS A 263 33.02 -20.77 13.45
CA LYS A 263 32.33 -20.31 14.65
C LYS A 263 31.17 -21.21 15.02
N GLY A 264 30.88 -22.23 14.22
CA GLY A 264 29.87 -23.21 14.52
C GLY A 264 28.61 -23.17 13.68
N VAL A 265 28.49 -22.21 12.76
CA VAL A 265 27.27 -22.07 11.99
C VAL A 265 27.04 -23.35 11.19
N LYS A 266 25.80 -23.81 11.17
CA LYS A 266 25.43 -25.02 10.45
C LYS A 266 25.03 -24.65 9.04
N PHE A 267 25.58 -25.33 8.05
CA PHE A 267 25.22 -25.08 6.67
C PHE A 267 24.47 -26.28 6.13
N VAL A 268 23.32 -26.03 5.54
CA VAL A 268 22.45 -27.07 5.02
C VAL A 268 22.17 -26.77 3.57
N ASN A 269 22.19 -27.79 2.72
CA ASN A 269 21.90 -27.55 1.32
C ASN A 269 21.03 -28.64 0.71
N GLU A 270 20.27 -29.37 1.50
CA GLU A 270 19.32 -30.33 0.96
C GLU A 270 17.88 -29.94 1.20
N LEU A 271 17.62 -28.86 1.91
CA LEU A 271 16.27 -28.50 2.31
C LEU A 271 15.71 -27.38 1.45
N LYS A 272 14.61 -27.65 0.78
CA LYS A 272 13.82 -26.62 0.12
C LYS A 272 12.75 -26.17 1.09
N ILE A 273 12.90 -24.98 1.64
CA ILE A 273 11.84 -24.43 2.47
C ILE A 273 10.66 -24.11 1.59
N THR A 274 9.53 -24.73 1.88
CA THR A 274 8.40 -24.71 0.95
C THR A 274 7.27 -23.77 1.37
N GLU A 275 7.16 -23.40 2.63
CA GLU A 275 6.06 -22.54 3.06
C GLU A 275 6.33 -22.03 4.46
N PHE A 276 6.01 -20.77 4.71
CA PHE A 276 6.00 -20.26 6.06
C PHE A 276 4.74 -20.72 6.78
N VAL A 277 4.84 -20.85 8.09
CA VAL A 277 3.72 -21.14 8.94
C VAL A 277 3.61 -20.01 9.93
N PHE A 278 2.51 -19.27 9.87
CA PHE A 278 2.32 -18.09 10.70
C PHE A 278 1.29 -18.39 11.79
N LYS A 279 1.50 -17.75 12.94
CA LYS A 279 0.51 -17.73 14.00
C LYS A 279 -0.58 -16.74 13.65
N ASP A 280 -1.82 -17.09 13.95
CA ASP A 280 -2.94 -16.21 13.72
C ASP A 280 -3.20 -15.34 14.93
N THR A 281 -3.68 -14.13 14.68
CA THR A 281 -4.04 -13.15 15.69
C THR A 281 -5.35 -12.52 15.28
N PRO A 282 -6.08 -11.93 16.22
CA PRO A 282 -7.39 -11.35 15.88
C PRO A 282 -7.32 -10.27 14.83
N LEU A 283 -6.39 -9.32 14.94
CA LEU A 283 -6.29 -8.25 13.96
C LEU A 283 -5.47 -8.62 12.74
N ARG A 284 -4.75 -9.74 12.78
CA ARG A 284 -4.05 -10.31 11.63
C ARG A 284 -2.99 -9.38 11.05
N ASP A 285 -2.42 -8.51 11.89
CA ASP A 285 -1.34 -7.64 11.46
C ASP A 285 0.01 -8.27 11.72
N GLU A 286 0.20 -8.82 12.91
CA GLU A 286 1.50 -9.32 13.32
C GLU A 286 1.94 -10.49 12.46
N ILE A 287 3.22 -10.49 12.10
CA ILE A 287 3.84 -11.61 11.40
C ILE A 287 4.71 -12.35 12.40
N ILE A 288 4.29 -13.57 12.72
CA ILE A 288 4.97 -14.44 13.67
C ILE A 288 5.14 -15.77 12.98
N VAL A 289 6.37 -16.09 12.59
CA VAL A 289 6.63 -17.38 11.97
C VAL A 289 6.74 -18.42 13.07
N THR A 290 5.97 -19.48 12.93
CA THR A 290 6.01 -20.57 13.89
C THR A 290 6.64 -21.82 13.33
N GLY A 291 6.60 -22.01 12.02
CA GLY A 291 7.21 -23.17 11.42
C GLY A 291 7.69 -22.87 10.02
N LEU A 292 8.59 -23.72 9.55
CA LEU A 292 9.05 -23.69 8.18
C LEU A 292 8.81 -25.07 7.60
N ASP A 293 7.93 -25.17 6.62
CA ASP A 293 7.70 -26.43 5.95
C ASP A 293 8.85 -26.71 4.99
N TYR A 294 9.36 -27.93 5.01
CA TYR A 294 10.52 -28.25 4.20
C TYR A 294 10.23 -29.45 3.31
N GLU A 295 11.02 -29.53 2.24
CA GLU A 295 11.17 -30.74 1.46
C GLU A 295 12.66 -31.01 1.35
N ASN A 296 13.07 -32.25 1.58
CA ASN A 296 14.43 -32.67 1.32
C ASN A 296 14.53 -33.08 -0.15
N VAL A 297 15.36 -32.37 -0.91
CA VAL A 297 15.37 -32.56 -2.35
C VAL A 297 16.13 -33.79 -2.78
N ARG A 298 16.89 -34.40 -1.88
CA ARG A 298 17.58 -35.65 -2.17
C ARG A 298 16.79 -36.86 -1.72
N THR A 299 16.33 -36.88 -0.46
CA THR A 299 15.59 -38.02 0.07
C THR A 299 14.13 -38.01 -0.34
N GLY A 300 13.51 -36.84 -0.38
CA GLY A 300 12.09 -36.73 -0.58
C GLY A 300 11.26 -36.49 0.67
N GLU A 301 11.87 -36.60 1.84
N GLU A 301 11.85 -36.62 1.86
CA GLU A 301 11.17 -36.34 3.10
CA GLU A 301 11.05 -36.41 3.06
C GLU A 301 10.56 -34.94 3.12
C GLU A 301 10.55 -34.97 3.13
N LYS A 302 9.39 -34.81 3.73
CA LYS A 302 8.78 -33.50 3.97
C LYS A 302 8.54 -33.35 5.46
N GLY A 303 8.39 -32.12 5.92
CA GLY A 303 8.21 -31.93 7.35
C GLY A 303 8.06 -30.48 7.72
N ARG A 304 8.20 -30.20 9.01
N ARG A 304 8.25 -30.20 8.99
CA ARG A 304 8.11 -28.84 9.51
CA ARG A 304 8.12 -28.85 9.51
C ARG A 304 9.16 -28.64 10.58
C ARG A 304 9.16 -28.63 10.59
N ILE A 305 9.88 -27.52 10.50
CA ILE A 305 10.80 -27.09 11.53
C ILE A 305 10.07 -26.08 12.38
N ASP A 306 10.05 -26.29 13.67
CA ASP A 306 9.36 -25.36 14.55
C ASP A 306 10.23 -24.15 14.80
N VAL A 307 9.65 -22.96 14.68
CA VAL A 307 10.33 -21.73 15.02
C VAL A 307 9.79 -21.29 16.36
N ALA A 308 10.59 -21.40 17.39
CA ALA A 308 10.10 -21.15 18.72
C ALA A 308 10.03 -19.66 19.01
N GLU A 309 9.43 -19.33 20.14
CA GLU A 309 9.38 -17.94 20.56
C GLU A 309 10.80 -17.50 20.86
N GLY A 310 11.28 -16.54 20.12
CA GLY A 310 12.63 -16.03 20.27
C GLY A 310 13.55 -16.44 19.16
N ASP A 311 13.09 -17.27 18.24
CA ASP A 311 13.86 -17.62 17.07
C ASP A 311 13.54 -16.61 15.98
N PHE A 312 14.50 -16.39 15.09
CA PHE A 312 14.36 -15.41 14.04
C PHE A 312 14.55 -16.08 12.69
N VAL A 313 13.86 -15.57 11.68
CA VAL A 313 13.92 -16.13 10.34
C VAL A 313 14.34 -15.04 9.38
N PHE A 314 15.29 -15.34 8.51
CA PHE A 314 15.85 -14.40 7.54
C PHE A 314 15.66 -15.00 6.16
N ASP A 315 14.84 -14.37 5.34
CA ASP A 315 14.53 -14.88 4.01
C ASP A 315 15.14 -13.96 2.97
N THR A 316 15.69 -14.56 1.93
CA THR A 316 16.15 -13.84 0.77
C THR A 316 15.05 -14.00 -0.26
N ASN A 317 14.20 -12.99 -0.34
CA ASN A 317 13.02 -13.06 -1.18
C ASN A 317 13.39 -12.71 -2.61
N GLY A 318 13.93 -13.68 -3.30
CA GLY A 318 14.28 -13.48 -4.70
C GLY A 318 15.78 -13.31 -4.89
N SER A 319 16.26 -13.75 -6.04
CA SER A 319 17.68 -13.65 -6.37
C SER A 319 17.85 -13.38 -7.85
N ILE A 320 18.83 -12.54 -8.20
CA ILE A 320 19.01 -12.21 -9.60
C ILE A 320 19.52 -13.39 -10.39
N THR A 321 19.97 -14.45 -9.74
CA THR A 321 20.46 -15.62 -10.46
C THR A 321 19.46 -16.75 -10.51
N ASP A 322 18.25 -16.55 -9.98
CA ASP A 322 17.23 -17.58 -10.07
C ASP A 322 16.94 -17.95 -11.51
N SER A 323 16.67 -19.23 -11.74
CA SER A 323 16.28 -19.74 -13.05
C SER A 323 17.34 -19.51 -14.11
N SER A 324 18.59 -19.34 -13.72
CA SER A 324 19.64 -19.19 -14.71
C SER A 324 20.04 -20.54 -15.27
N SER A 325 20.56 -20.54 -16.49
CA SER A 325 21.00 -21.77 -17.12
C SER A 325 22.35 -21.54 -17.78
N ILE A 326 22.99 -22.65 -18.16
CA ILE A 326 24.36 -22.67 -18.61
C ILE A 326 24.48 -23.52 -19.86
N GLY A 327 25.44 -23.17 -20.72
CA GLY A 327 25.80 -24.02 -21.85
C GLY A 327 27.26 -24.43 -21.83
N ASP A 328 27.82 -24.74 -22.99
CA ASP A 328 29.26 -24.89 -23.06
C ASP A 328 29.70 -24.45 -24.45
N LEU A 329 30.92 -24.80 -24.82
CA LEU A 329 31.49 -24.28 -26.05
C LEU A 329 30.63 -24.61 -27.26
N ASP A 330 29.96 -25.76 -27.25
CA ASP A 330 29.18 -26.16 -28.41
C ASP A 330 27.69 -26.30 -28.11
N THR A 331 27.22 -25.78 -27.00
CA THR A 331 25.83 -26.00 -26.68
C THR A 331 25.23 -24.70 -26.18
N PRO A 332 24.17 -24.21 -26.79
CA PRO A 332 23.51 -22.99 -26.30
C PRO A 332 22.66 -23.29 -25.07
N ILE A 333 22.34 -22.22 -24.36
CA ILE A 333 21.56 -22.38 -23.15
C ILE A 333 20.17 -22.87 -23.49
N VAL A 334 19.51 -23.42 -22.47
CA VAL A 334 18.09 -23.73 -22.52
C VAL A 334 17.42 -22.86 -21.47
N GLU A 335 16.50 -22.01 -21.89
CA GLU A 335 15.89 -21.07 -20.96
C GLU A 335 15.02 -21.82 -19.96
N ASP A 336 15.31 -21.62 -18.68
CA ASP A 336 14.53 -22.17 -17.59
C ASP A 336 13.29 -21.29 -17.38
N MET A 337 12.13 -21.83 -17.72
CA MET A 337 10.91 -21.03 -17.73
C MET A 337 10.26 -20.91 -16.37
N ARG A 338 10.80 -21.55 -15.33
CA ARG A 338 10.17 -21.51 -14.03
C ARG A 338 10.27 -20.14 -13.38
N TYR A 339 9.24 -19.79 -12.64
CA TYR A 339 9.24 -18.56 -11.87
C TYR A 339 10.27 -18.65 -10.76
N ALA A 340 10.87 -17.52 -10.44
CA ALA A 340 11.95 -17.39 -9.49
C ALA A 340 11.72 -18.20 -8.22
N PRO A 341 12.43 -19.31 -8.03
CA PRO A 341 12.12 -20.18 -6.90
C PRO A 341 12.36 -19.54 -5.55
N SER A 342 13.32 -18.65 -5.44
CA SER A 342 13.58 -18.01 -4.16
C SER A 342 12.59 -16.92 -3.82
N ALA A 343 11.62 -16.68 -4.68
CA ALA A 343 10.58 -15.71 -4.39
C ALA A 343 9.28 -16.37 -3.96
N LEU A 344 9.19 -17.70 -4.00
CA LEU A 344 7.92 -18.37 -3.74
C LEU A 344 7.50 -18.23 -2.30
N LEU A 345 8.44 -18.28 -1.36
CA LEU A 345 8.06 -18.02 0.02
C LEU A 345 7.44 -16.64 0.17
N TRP A 346 7.99 -15.67 -0.54
CA TRP A 346 7.47 -14.30 -0.49
C TRP A 346 6.07 -14.25 -1.08
N LYS A 347 5.92 -14.74 -2.31
CA LYS A 347 4.63 -14.69 -2.97
C LYS A 347 3.58 -15.38 -2.13
N GLN A 348 3.96 -16.42 -1.42
CA GLN A 348 3.00 -17.15 -0.62
C GLN A 348 2.63 -16.38 0.63
N ALA A 349 3.56 -15.65 1.22
CA ALA A 349 3.21 -14.87 2.40
C ALA A 349 2.20 -13.77 2.06
N THR A 350 2.18 -13.30 0.81
CA THR A 350 1.20 -12.29 0.45
C THR A 350 -0.21 -12.84 0.44
N GLU A 351 -0.36 -14.16 0.45
CA GLU A 351 -1.66 -14.77 0.67
C GLU A 351 -2.16 -14.60 2.09
N HIS A 352 -1.36 -14.06 2.99
CA HIS A 352 -1.75 -13.95 4.39
C HIS A 352 -1.60 -12.53 4.89
N PHE A 353 -0.70 -11.76 4.30
CA PHE A 353 -0.47 -10.40 4.74
C PHE A 353 -0.52 -9.46 3.55
N TYR A 354 -0.94 -8.22 3.80
CA TYR A 354 -1.19 -7.25 2.75
C TYR A 354 -0.06 -6.26 2.54
N ASP A 355 0.91 -6.19 3.46
CA ASP A 355 1.96 -5.18 3.43
C ASP A 355 3.31 -5.75 3.00
N LEU A 356 3.33 -6.68 2.06
CA LEU A 356 4.56 -7.34 1.70
C LEU A 356 5.01 -7.16 0.27
N GLY A 357 4.27 -6.45 -0.57
CA GLY A 357 4.76 -6.10 -1.88
C GLY A 357 4.17 -6.96 -2.97
N ASN A 358 4.72 -6.80 -4.17
N ASN A 358 4.71 -6.79 -4.17
CA ASN A 358 4.25 -7.52 -5.35
CA ASN A 358 4.25 -7.53 -5.34
C ASN A 358 5.45 -8.13 -6.07
C ASN A 358 5.46 -8.12 -6.05
N PRO A 359 5.81 -9.37 -5.73
CA PRO A 359 6.93 -10.01 -6.43
C PRO A 359 6.74 -10.14 -7.92
N ASP A 360 5.52 -10.16 -8.42
CA ASP A 360 5.35 -10.25 -9.86
C ASP A 360 5.91 -9.02 -10.57
N LYS A 361 5.99 -7.89 -9.87
CA LYS A 361 6.63 -6.72 -10.46
C LYS A 361 8.07 -7.02 -10.84
N PHE A 362 8.73 -7.89 -10.09
CA PHE A 362 10.14 -8.15 -10.30
C PHE A 362 10.41 -9.41 -11.09
N PHE A 363 9.56 -10.43 -10.98
CA PHE A 363 9.84 -11.70 -11.64
C PHE A 363 8.82 -12.04 -12.69
N GLY A 364 7.95 -11.11 -13.06
CA GLY A 364 6.95 -11.35 -14.06
C GLY A 364 7.21 -10.71 -15.41
N ASP A 365 8.32 -10.01 -15.58
CA ASP A 365 8.59 -9.29 -16.81
C ASP A 365 10.06 -9.53 -17.16
N ARG A 366 10.33 -10.68 -17.78
CA ARG A 366 11.68 -10.99 -18.19
C ARG A 366 12.21 -9.99 -19.20
N ALA A 367 11.33 -9.36 -19.98
CA ALA A 367 11.78 -8.36 -20.93
C ALA A 367 12.56 -7.26 -20.24
N GLN A 368 12.16 -6.90 -19.03
CA GLN A 368 12.90 -5.92 -18.28
C GLN A 368 14.20 -6.46 -17.72
N SER A 369 14.26 -7.75 -17.39
CA SER A 369 15.27 -8.23 -16.45
C SER A 369 16.34 -9.12 -17.07
N GLU A 370 16.07 -9.77 -18.20
CA GLU A 370 16.96 -10.79 -18.71
C GLU A 370 18.16 -10.16 -19.41
N TRP A 371 19.32 -10.81 -19.25
CA TRP A 371 20.43 -10.66 -20.18
C TRP A 371 21.32 -11.89 -20.06
N THR A 372 22.36 -11.93 -20.90
CA THR A 372 23.16 -13.12 -21.12
C THR A 372 24.64 -12.79 -21.06
N SER A 373 25.44 -13.69 -20.49
CA SER A 373 26.85 -13.48 -20.31
C SER A 373 27.60 -14.73 -20.76
N PHE A 374 28.92 -14.69 -20.67
CA PHE A 374 29.73 -15.85 -21.00
C PHE A 374 31.13 -15.65 -20.43
N THR A 375 31.77 -16.76 -20.09
CA THR A 375 33.13 -16.77 -19.58
C THR A 375 34.01 -17.56 -20.53
N VAL A 376 35.15 -16.97 -20.92
CA VAL A 376 36.09 -17.63 -21.82
C VAL A 376 37.34 -18.02 -21.05
N THR A 377 37.81 -19.24 -21.26
CA THR A 377 39.04 -19.76 -20.69
C THR A 377 39.97 -20.17 -21.81
N THR A 378 41.20 -19.68 -21.80
CA THR A 378 42.19 -20.07 -22.79
C THR A 378 43.40 -20.67 -22.11
N SER A 379 44.10 -21.50 -22.87
CA SER A 379 45.28 -22.21 -22.41
C SER A 379 46.57 -21.46 -22.66
N SER A 380 46.51 -20.24 -23.19
CA SER A 380 47.67 -19.38 -23.39
C SER A 380 47.26 -17.93 -23.15
N HIS A 381 48.25 -17.06 -22.98
CA HIS A 381 47.98 -15.64 -22.83
C HIS A 381 47.65 -14.95 -24.14
N GLU A 382 47.66 -15.65 -25.26
CA GLU A 382 47.60 -14.95 -26.53
C GLU A 382 46.34 -14.12 -26.66
N LEU A 383 45.17 -14.73 -26.48
CA LEU A 383 43.93 -14.01 -26.70
C LEU A 383 43.83 -12.78 -25.79
N ILE A 384 44.24 -12.93 -24.54
CA ILE A 384 44.21 -11.78 -23.65
C ILE A 384 45.20 -10.73 -24.11
N ASN A 385 46.38 -11.15 -24.55
CA ASN A 385 47.36 -10.20 -25.07
C ASN A 385 46.78 -9.41 -26.24
N GLU A 386 46.14 -10.10 -27.16
CA GLU A 386 45.54 -9.42 -28.29
C GLU A 386 44.47 -8.42 -27.86
N ILE A 387 43.57 -8.83 -26.95
CA ILE A 387 42.57 -7.89 -26.47
C ILE A 387 43.23 -6.71 -25.81
N SER A 388 44.24 -6.97 -24.99
CA SER A 388 44.92 -5.92 -24.27
C SER A 388 45.58 -4.94 -25.23
N ARG A 389 46.08 -5.43 -26.35
CA ARG A 389 46.74 -4.56 -27.30
C ARG A 389 45.71 -3.77 -28.10
N ILE A 390 44.71 -4.46 -28.64
CA ILE A 390 43.71 -3.79 -29.47
C ILE A 390 42.95 -2.74 -28.68
N THR A 391 42.73 -2.97 -27.41
CA THR A 391 41.99 -2.00 -26.61
C THR A 391 42.90 -1.02 -25.90
N LYS A 392 44.21 -1.14 -26.06
CA LYS A 392 45.17 -0.18 -25.55
C LYS A 392 45.13 -0.12 -24.03
N GLN A 393 45.13 -1.28 -23.40
CA GLN A 393 44.72 -1.36 -22.02
C GLN A 393 45.27 -2.63 -21.42
N LEU A 394 45.83 -2.54 -20.22
CA LEU A 394 46.29 -3.74 -19.57
C LEU A 394 45.14 -4.45 -18.85
N PRO A 395 45.24 -5.75 -18.64
CA PRO A 395 44.16 -6.46 -17.94
C PRO A 395 43.87 -5.84 -16.59
N GLY A 396 42.58 -5.79 -16.27
CA GLY A 396 42.14 -5.23 -15.01
C GLY A 396 41.75 -3.78 -15.03
N ASN A 397 41.44 -3.20 -16.18
CA ASN A 397 41.11 -1.80 -16.26
C ASN A 397 39.67 -1.58 -16.73
N ALA A 398 38.75 -2.41 -16.22
CA ALA A 398 37.31 -2.24 -16.39
C ALA A 398 36.85 -2.50 -17.82
N LEU A 399 35.55 -2.45 -18.03
CA LEU A 399 34.92 -3.07 -19.20
C LEU A 399 35.03 -2.21 -20.44
N ASN A 400 34.85 -2.86 -21.57
CA ASN A 400 34.94 -2.22 -22.88
C ASN A 400 33.66 -2.54 -23.61
N THR A 401 32.94 -1.49 -24.02
CA THR A 401 31.61 -1.63 -24.59
C THR A 401 31.66 -1.30 -26.08
N PHE A 402 31.11 -2.18 -26.91
CA PHE A 402 30.99 -1.92 -28.34
C PHE A 402 29.66 -1.25 -28.61
N VAL A 403 29.64 0.07 -28.56
CA VAL A 403 28.38 0.79 -28.54
C VAL A 403 27.59 0.65 -29.84
N ASP A 404 28.22 0.28 -30.94
CA ASP A 404 27.47 0.07 -32.17
C ASP A 404 27.16 -1.37 -32.43
N SER A 405 27.43 -2.26 -31.49
CA SER A 405 27.09 -3.66 -31.67
C SER A 405 25.58 -3.84 -31.54
N ASN A 406 25.03 -4.74 -32.35
CA ASN A 406 23.59 -4.90 -32.37
C ASN A 406 23.07 -5.34 -31.01
N VAL A 407 23.79 -6.25 -30.33
CA VAL A 407 23.34 -6.77 -29.06
C VAL A 407 23.85 -5.98 -27.86
N LEU A 408 24.56 -4.89 -28.10
CA LEU A 408 25.21 -4.11 -27.05
C LEU A 408 26.11 -4.97 -26.18
N LEU A 409 27.16 -5.47 -26.80
CA LEU A 409 28.13 -6.36 -26.17
C LEU A 409 29.20 -5.57 -25.43
N SER A 410 29.51 -6.00 -24.22
CA SER A 410 30.64 -5.49 -23.47
C SER A 410 31.49 -6.67 -23.04
N ILE A 411 32.79 -6.44 -22.83
CA ILE A 411 33.65 -7.48 -22.30
C ILE A 411 34.47 -6.90 -21.17
N VAL A 412 34.90 -7.78 -20.26
CA VAL A 412 35.74 -7.38 -19.14
C VAL A 412 36.93 -8.32 -19.10
N VAL A 413 38.13 -7.75 -19.00
CA VAL A 413 39.35 -8.51 -18.80
C VAL A 413 39.86 -8.20 -17.42
N HIS A 414 39.78 -9.17 -16.53
CA HIS A 414 40.17 -8.93 -15.17
C HIS A 414 41.68 -8.96 -15.04
N HIS A 415 42.17 -8.50 -13.90
CA HIS A 415 43.54 -8.83 -13.53
C HIS A 415 43.70 -10.35 -13.51
N GLN A 416 44.79 -10.83 -14.09
CA GLN A 416 45.04 -12.28 -14.16
C GLN A 416 46.00 -12.71 -13.07
N PRO A 417 45.72 -13.84 -12.40
CA PRO A 417 44.58 -14.73 -12.55
C PRO A 417 43.33 -14.24 -11.83
N HIS A 418 42.17 -14.66 -12.29
CA HIS A 418 40.91 -14.30 -11.67
C HIS A 418 40.38 -15.37 -10.73
N TYR A 419 40.91 -16.59 -10.82
CA TYR A 419 40.50 -17.70 -10.00
C TYR A 419 41.71 -18.38 -9.40
N HIS A 420 41.54 -18.93 -8.20
CA HIS A 420 42.68 -19.54 -7.52
C HIS A 420 43.21 -20.76 -8.27
N ALA A 421 42.38 -21.46 -9.02
CA ALA A 421 42.83 -22.63 -9.74
C ALA A 421 43.24 -22.32 -11.15
N GLN A 422 43.35 -21.05 -11.49
CA GLN A 422 43.84 -20.65 -12.79
C GLN A 422 45.33 -20.98 -12.90
N LYS A 423 45.71 -21.61 -13.99
CA LYS A 423 47.11 -21.95 -14.17
C LYS A 423 47.88 -20.76 -14.71
N GLU A 424 49.20 -20.81 -14.54
CA GLU A 424 50.06 -19.72 -14.98
C GLU A 424 49.84 -19.42 -16.45
N ASN A 425 49.62 -20.43 -17.25
CA ASN A 425 49.49 -20.24 -18.69
C ASN A 425 48.09 -19.87 -19.12
N GLU A 426 47.12 -19.90 -18.23
CA GLU A 426 45.74 -19.73 -18.62
C GLU A 426 45.31 -18.28 -18.52
N GLY A 427 44.35 -17.91 -19.37
CA GLY A 427 43.73 -16.60 -19.30
C GLY A 427 42.23 -16.70 -19.38
N VAL A 428 41.56 -15.78 -18.68
CA VAL A 428 40.11 -15.77 -18.59
C VAL A 428 39.58 -14.36 -18.78
N PHE A 429 38.44 -14.23 -19.43
CA PHE A 429 37.72 -12.97 -19.45
C PHE A 429 36.23 -13.26 -19.55
N TRP A 430 35.43 -12.20 -19.53
CA TRP A 430 33.98 -12.29 -19.36
C TRP A 430 33.30 -11.28 -20.27
N GLY A 431 32.12 -11.64 -20.75
CA GLY A 431 31.36 -10.73 -21.59
C GLY A 431 29.88 -10.86 -21.37
N TYR A 432 29.15 -9.82 -21.75
CA TYR A 432 27.70 -9.89 -21.69
C TYR A 432 27.10 -8.89 -22.65
N CYS A 433 25.84 -9.11 -22.99
CA CYS A 433 25.09 -8.23 -23.86
C CYS A 433 23.79 -7.88 -23.18
N LEU A 434 23.21 -6.76 -23.55
CA LEU A 434 21.98 -6.27 -22.95
C LEU A 434 20.76 -6.51 -23.81
N PHE A 435 20.91 -7.00 -25.01
CA PHE A 435 19.80 -7.28 -25.91
C PHE A 435 19.99 -8.69 -26.46
N PRO A 436 19.80 -9.70 -25.61
CA PRO A 436 20.10 -11.06 -26.02
C PRO A 436 19.22 -11.59 -27.12
N ARG A 437 18.08 -10.95 -27.38
CA ARG A 437 17.19 -11.47 -28.40
C ARG A 437 17.59 -11.03 -29.80
N LYS A 438 18.35 -9.94 -29.90
CA LYS A 438 18.72 -9.42 -31.21
C LYS A 438 19.79 -10.30 -31.86
N ASP A 439 19.90 -10.18 -33.18
CA ASP A 439 20.89 -10.95 -33.92
C ASP A 439 22.28 -10.39 -33.70
N GLY A 440 23.27 -11.26 -33.76
CA GLY A 440 24.64 -10.80 -33.73
C GLY A 440 25.04 -10.12 -35.02
N ASP A 441 26.06 -9.26 -34.94
CA ASP A 441 26.53 -8.58 -36.13
C ASP A 441 27.34 -9.51 -37.02
N TYR A 442 28.14 -10.39 -36.43
CA TYR A 442 28.97 -11.29 -37.21
C TYR A 442 28.45 -12.71 -37.22
N VAL A 443 27.97 -13.20 -36.09
CA VAL A 443 27.21 -14.44 -36.04
C VAL A 443 25.74 -14.05 -36.09
N LYS A 444 25.09 -14.30 -37.23
CA LYS A 444 23.79 -13.71 -37.49
C LYS A 444 22.68 -14.63 -37.03
N LYS A 445 22.61 -14.79 -35.71
CA LYS A 445 21.53 -15.50 -35.04
C LYS A 445 21.34 -14.81 -33.71
N PRO A 446 20.24 -15.08 -33.01
CA PRO A 446 20.03 -14.42 -31.72
C PRO A 446 21.11 -14.80 -30.73
N PHE A 447 21.59 -13.82 -29.99
CA PHE A 447 22.68 -14.08 -29.06
C PHE A 447 22.32 -15.20 -28.10
N ILE A 448 21.10 -15.19 -27.58
CA ILE A 448 20.69 -16.19 -26.60
C ILE A 448 20.65 -17.58 -27.20
N GLU A 449 20.71 -17.71 -28.51
CA GLU A 449 20.73 -19.01 -29.16
C GLU A 449 22.13 -19.46 -29.52
N MET A 450 23.15 -18.68 -29.19
CA MET A 450 24.52 -18.98 -29.61
C MET A 450 25.17 -20.01 -28.71
N THR A 451 26.04 -20.82 -29.30
CA THR A 451 26.94 -21.62 -28.50
C THR A 451 28.01 -20.72 -27.91
N GLY A 452 28.72 -21.25 -26.92
CA GLY A 452 29.84 -20.52 -26.35
C GLY A 452 30.89 -20.17 -27.37
N ARG A 453 31.09 -21.04 -28.36
CA ARG A 453 32.00 -20.71 -29.45
C ARG A 453 31.49 -19.51 -30.23
N GLU A 454 30.21 -19.55 -30.62
CA GLU A 454 29.66 -18.47 -31.43
C GLU A 454 29.73 -17.14 -30.70
N MET A 455 29.59 -17.15 -29.39
CA MET A 455 29.70 -15.89 -28.67
C MET A 455 31.12 -15.34 -28.74
N LEU A 456 32.12 -16.21 -28.64
CA LEU A 456 33.49 -15.75 -28.83
C LEU A 456 33.71 -15.26 -30.25
N GLU A 457 33.19 -15.98 -31.23
CA GLU A 457 33.34 -15.57 -32.61
C GLU A 457 32.70 -14.21 -32.85
N GLU A 458 31.54 -13.97 -32.23
CA GLU A 458 30.93 -12.66 -32.36
C GLU A 458 31.80 -11.60 -31.69
N THR A 459 32.42 -11.95 -30.56
CA THR A 459 33.29 -10.99 -29.91
C THR A 459 34.54 -10.71 -30.73
N LEU A 460 35.15 -11.74 -31.29
CA LEU A 460 36.34 -11.52 -32.11
C LEU A 460 36.03 -10.62 -33.28
N GLY A 461 34.85 -10.78 -33.89
CA GLY A 461 34.45 -9.92 -34.98
C GLY A 461 34.55 -8.45 -34.62
N HIS A 462 34.07 -8.08 -33.45
CA HIS A 462 34.18 -6.69 -33.03
C HIS A 462 35.61 -6.33 -32.71
N LEU A 463 36.35 -7.25 -32.10
CA LEU A 463 37.75 -7.00 -31.84
C LEU A 463 38.52 -6.84 -33.14
N GLU A 464 38.29 -7.74 -34.09
CA GLU A 464 38.96 -7.64 -35.38
C GLU A 464 38.62 -6.34 -36.08
N ALA A 465 37.38 -5.88 -35.94
CA ALA A 465 36.99 -4.66 -36.60
C ALA A 465 37.75 -3.46 -36.07
N LEU A 466 38.14 -3.51 -34.79
CA LEU A 466 38.93 -2.44 -34.21
C LEU A 466 40.41 -2.61 -34.45
N ASP A 467 40.85 -3.79 -34.84
CA ASP A 467 42.27 -4.10 -34.99
C ASP A 467 42.69 -3.76 -36.41
N GLU A 468 43.46 -2.68 -36.57
CA GLU A 468 43.92 -2.30 -37.90
C GLU A 468 45.00 -3.25 -38.42
N SER A 469 45.85 -3.76 -37.53
CA SER A 469 46.92 -4.64 -37.99
C SER A 469 46.41 -5.84 -38.75
N GLY A 470 45.16 -6.24 -38.55
CA GLY A 470 44.67 -7.48 -39.11
C GLY A 470 45.31 -8.71 -38.54
N THR A 471 46.17 -8.55 -37.52
CA THR A 471 46.89 -9.69 -36.98
C THR A 471 45.95 -10.67 -36.30
N LEU A 472 45.04 -10.16 -35.46
CA LEU A 472 44.14 -11.05 -34.73
C LEU A 472 43.37 -11.93 -35.68
N ALA A 473 42.77 -11.33 -36.71
CA ALA A 473 42.05 -12.13 -37.69
C ALA A 473 42.96 -13.16 -38.34
N ALA A 474 44.22 -12.80 -38.55
CA ALA A 474 45.17 -13.74 -39.15
C ALA A 474 45.40 -14.93 -38.22
N ARG A 475 45.43 -14.68 -36.91
CA ARG A 475 45.70 -15.70 -35.93
C ARG A 475 44.44 -16.42 -35.46
N ARG A 476 43.37 -16.39 -36.25
CA ARG A 476 42.10 -16.95 -35.80
C ARG A 476 42.26 -18.42 -35.39
N GLN A 477 42.78 -19.24 -36.28
CA GLN A 477 42.87 -20.67 -36.00
C GLN A 477 43.64 -20.93 -34.71
N GLU A 478 44.72 -20.18 -34.48
CA GLU A 478 45.50 -20.41 -33.29
C GLU A 478 44.76 -19.93 -32.06
N ILE A 479 44.03 -18.81 -32.18
CA ILE A 479 43.22 -18.31 -31.07
C ILE A 479 42.21 -19.36 -30.63
N MET A 480 41.44 -19.87 -31.59
CA MET A 480 40.41 -20.84 -31.27
C MET A 480 40.99 -22.12 -30.71
N ASP A 481 42.15 -22.54 -31.20
CA ASP A 481 42.78 -23.74 -30.68
C ASP A 481 43.17 -23.58 -29.21
N SER A 482 43.36 -22.36 -28.75
CA SER A 482 43.74 -22.09 -27.38
C SER A 482 42.58 -22.09 -26.41
N VAL A 483 41.36 -22.28 -26.90
CA VAL A 483 40.17 -22.13 -26.07
C VAL A 483 39.95 -23.40 -25.27
N VAL A 484 39.91 -23.26 -23.94
CA VAL A 484 39.54 -24.38 -23.09
C VAL A 484 38.03 -24.52 -23.04
N ASN A 485 37.32 -23.43 -22.83
CA ASN A 485 35.86 -23.43 -22.89
C ASN A 485 35.35 -22.01 -23.08
N SER A 486 34.10 -21.92 -23.51
CA SER A 486 33.37 -20.66 -23.58
C SER A 486 31.98 -20.99 -23.11
N ILE A 487 31.63 -20.54 -21.91
CA ILE A 487 30.43 -21.02 -21.24
C ILE A 487 29.35 -19.95 -21.21
N PRO A 488 28.33 -20.05 -22.06
CA PRO A 488 27.25 -19.08 -22.01
C PRO A 488 26.42 -19.25 -20.76
N SER A 489 25.86 -18.15 -20.29
CA SER A 489 25.22 -18.12 -18.99
C SER A 489 24.02 -17.19 -19.06
N HIS A 490 22.81 -17.74 -19.14
CA HIS A 490 21.62 -16.92 -19.29
C HIS A 490 20.92 -16.72 -17.96
N MET A 491 20.57 -15.49 -17.65
CA MET A 491 19.99 -15.14 -16.36
C MET A 491 18.71 -14.35 -16.59
N PRO A 492 17.55 -15.00 -16.52
CA PRO A 492 16.30 -14.29 -16.83
C PRO A 492 15.97 -13.16 -15.89
N TYR A 493 16.53 -13.16 -14.70
CA TYR A 493 16.21 -12.14 -13.70
C TYR A 493 17.46 -11.34 -13.34
N ALA A 494 18.43 -11.27 -14.25
CA ALA A 494 19.72 -10.70 -13.92
C ALA A 494 19.59 -9.26 -13.46
N SER A 495 18.70 -8.50 -14.08
CA SER A 495 18.45 -7.12 -13.70
C SER A 495 17.06 -6.92 -13.12
N ALA A 496 16.42 -8.00 -12.67
CA ALA A 496 15.09 -7.89 -12.09
C ALA A 496 15.04 -6.94 -10.93
N LEU A 497 16.15 -6.77 -10.22
CA LEU A 497 16.18 -5.80 -9.14
C LEU A 497 15.99 -4.38 -9.64
N PHE A 498 16.06 -4.16 -10.96
CA PHE A 498 15.88 -2.84 -11.56
C PHE A 498 14.51 -2.64 -12.17
N ASN A 499 13.62 -3.63 -12.10
CA ASN A 499 12.34 -3.53 -12.77
C ASN A 499 11.57 -2.32 -12.28
N ARG A 500 10.67 -1.82 -13.12
CA ARG A 500 9.81 -0.71 -12.74
C ARG A 500 9.05 -1.05 -11.48
N ARG A 501 9.11 -0.17 -10.49
CA ARG A 501 8.58 -0.47 -9.19
C ARG A 501 7.95 0.77 -8.59
N ALA A 502 7.00 0.56 -7.69
CA ALA A 502 6.45 1.61 -6.87
C ALA A 502 6.92 1.42 -5.45
N VAL A 503 7.03 2.51 -4.70
CA VAL A 503 7.33 2.37 -3.29
C VAL A 503 6.26 1.50 -2.66
N GLY A 504 6.67 0.57 -1.82
CA GLY A 504 5.75 -0.40 -1.28
C GLY A 504 5.64 -1.67 -2.07
N ASP A 505 6.24 -1.74 -3.25
CA ASP A 505 6.31 -3.01 -3.97
C ASP A 505 7.31 -3.96 -3.33
N ARG A 506 8.21 -3.47 -2.52
CA ARG A 506 9.17 -4.29 -1.83
C ARG A 506 8.87 -4.26 -0.34
N PRO A 507 8.94 -5.40 0.33
CA PRO A 507 8.71 -5.41 1.77
C PRO A 507 9.79 -4.68 2.52
N LEU A 508 9.44 -4.12 3.66
CA LEU A 508 10.48 -3.59 4.51
C LEU A 508 11.40 -4.74 4.92
N VAL A 509 12.63 -4.40 5.28
CA VAL A 509 13.53 -5.42 5.79
C VAL A 509 12.89 -6.12 6.97
N VAL A 510 12.34 -5.36 7.89
CA VAL A 510 11.49 -5.85 8.95
C VAL A 510 10.13 -5.16 8.82
N PRO A 511 9.13 -5.85 8.29
CA PRO A 511 7.83 -5.22 8.12
C PRO A 511 7.30 -4.67 9.43
N LYS A 512 6.32 -3.76 9.31
CA LYS A 512 5.94 -2.93 10.44
C LYS A 512 5.41 -3.76 11.61
N HIS A 513 4.80 -4.90 11.34
CA HIS A 513 4.30 -5.72 12.43
C HIS A 513 4.93 -7.11 12.44
N SER A 514 6.11 -7.26 11.84
CA SER A 514 6.80 -8.54 11.85
C SER A 514 7.56 -8.70 13.14
N LYS A 515 7.32 -9.81 13.83
CA LYS A 515 7.98 -10.10 15.08
C LYS A 515 9.30 -10.82 14.90
N ASN A 516 9.39 -11.71 13.91
CA ASN A 516 10.58 -12.52 13.76
C ASN A 516 10.88 -12.93 12.33
N LEU A 517 10.31 -12.26 11.34
CA LEU A 517 10.63 -12.48 9.93
C LEU A 517 11.28 -11.23 9.34
N ALA A 518 12.43 -11.40 8.68
CA ALA A 518 13.14 -10.30 8.04
C ALA A 518 13.50 -10.68 6.61
N PHE A 519 13.55 -9.68 5.74
CA PHE A 519 13.88 -9.90 4.34
C PHE A 519 15.23 -9.29 4.04
N ILE A 520 16.16 -10.12 3.60
CA ILE A 520 17.53 -9.71 3.34
C ILE A 520 17.81 -10.12 1.92
N SER A 521 17.78 -9.17 1.02
CA SER A 521 17.81 -9.46 -0.41
C SER A 521 17.93 -8.13 -1.13
N GLN A 522 18.03 -8.21 -2.44
CA GLN A 522 17.98 -7.06 -3.30
C GLN A 522 16.57 -6.74 -3.73
N PHE A 523 15.58 -7.28 -3.04
CA PHE A 523 14.17 -7.04 -3.31
C PHE A 523 13.43 -6.71 -2.03
N ALA A 524 14.13 -6.17 -1.06
CA ALA A 524 13.57 -5.63 0.15
C ALA A 524 13.75 -4.12 0.12
N GLU A 525 12.96 -3.42 0.92
CA GLU A 525 12.94 -1.98 0.86
C GLU A 525 13.89 -1.38 1.89
N LEU A 526 14.80 -0.56 1.39
CA LEU A 526 15.84 0.09 2.12
C LEU A 526 15.99 1.46 1.50
N PRO A 527 16.22 2.50 2.28
CA PRO A 527 16.42 3.82 1.72
C PRO A 527 17.86 4.08 1.30
N PHE A 528 18.01 5.02 0.38
CA PHE A 528 19.29 5.61 0.01
C PHE A 528 20.16 4.72 -0.88
N ASP A 529 20.45 3.49 -0.43
CA ASP A 529 21.45 2.65 -1.05
C ASP A 529 21.05 2.23 -2.46
N MET A 530 22.06 2.03 -3.30
CA MET A 530 21.84 1.52 -4.65
C MET A 530 21.58 0.03 -4.59
N VAL A 531 20.55 -0.42 -5.27
CA VAL A 531 20.21 -1.83 -5.14
C VAL A 531 21.21 -2.70 -5.89
N PHE A 532 21.96 -2.14 -6.84
CA PHE A 532 22.92 -2.94 -7.60
C PHE A 532 24.02 -3.51 -6.72
N THR A 533 24.38 -2.80 -5.68
CA THR A 533 25.59 -3.09 -4.96
C THR A 533 25.40 -4.23 -3.98
N GLU A 534 26.47 -5.01 -3.78
CA GLU A 534 26.49 -5.97 -2.69
C GLU A 534 26.25 -5.29 -1.35
N GLN A 535 26.58 -4.00 -1.25
CA GLN A 535 26.34 -3.25 -0.02
C GLN A 535 24.87 -3.30 0.38
N TYR A 536 23.97 -3.41 -0.58
CA TYR A 536 22.55 -3.37 -0.27
C TYR A 536 22.15 -4.53 0.64
N SER A 537 22.44 -5.76 0.22
CA SER A 537 22.07 -6.92 1.04
C SER A 537 22.79 -6.91 2.37
N VAL A 538 24.04 -6.43 2.42
CA VAL A 538 24.73 -6.39 3.70
C VAL A 538 24.01 -5.42 4.63
N ARG A 539 23.48 -4.35 4.08
CA ARG A 539 22.79 -3.35 4.90
C ARG A 539 21.48 -3.90 5.42
N CYS A 540 20.70 -4.58 4.58
CA CYS A 540 19.50 -5.25 5.05
C CYS A 540 19.80 -6.10 6.27
N ALA A 541 20.91 -6.83 6.23
CA ALA A 541 21.26 -7.72 7.32
C ALA A 541 21.44 -6.96 8.62
N GLN A 542 22.18 -5.86 8.59
CA GLN A 542 22.41 -5.13 9.82
C GLN A 542 21.12 -4.54 10.34
N VAL A 543 20.26 -4.05 9.45
CA VAL A 543 18.98 -3.50 9.85
C VAL A 543 18.16 -4.56 10.55
N ALA A 544 18.05 -5.74 9.94
CA ALA A 544 17.28 -6.83 10.51
C ALA A 544 17.87 -7.28 11.83
N VAL A 545 19.17 -7.56 11.86
CA VAL A 545 19.75 -8.11 13.07
C VAL A 545 19.65 -7.10 14.20
N TYR A 546 19.95 -5.84 13.92
CA TYR A 546 19.90 -4.84 14.99
C TYR A 546 18.48 -4.61 15.49
N LYS A 547 17.49 -4.67 14.58
CA LYS A 547 16.12 -4.51 15.02
C LYS A 547 15.68 -5.69 15.89
N PHE A 548 15.95 -6.91 15.43
CA PHE A 548 15.56 -8.09 16.19
C PHE A 548 16.23 -8.15 17.55
N LEU A 549 17.46 -7.66 17.64
CA LEU A 549 18.20 -7.74 18.89
C LEU A 549 17.99 -6.54 19.78
N GLY A 550 17.32 -5.51 19.30
CA GLY A 550 17.08 -4.34 20.10
C GLY A 550 18.20 -3.33 20.08
N ILE A 551 19.07 -3.38 19.09
CA ILE A 551 20.13 -2.37 18.98
C ILE A 551 19.54 -1.13 18.31
N PRO A 552 19.65 0.04 18.93
CA PRO A 552 19.03 1.24 18.37
C PRO A 552 19.68 1.65 17.06
N GLU A 553 18.91 2.37 16.25
CA GLU A 553 19.37 2.65 14.90
C GLU A 553 20.51 3.65 14.83
N ASP A 554 20.77 4.42 15.89
CA ASP A 554 21.94 5.26 15.83
C ASP A 554 23.23 4.46 15.86
N LYS A 555 23.16 3.18 16.20
CA LYS A 555 24.32 2.30 16.15
C LYS A 555 24.49 1.63 14.80
N LEU A 556 23.58 1.83 13.86
CA LEU A 556 23.78 1.31 12.52
C LEU A 556 24.99 1.97 11.89
N THR A 557 25.58 1.27 10.93
CA THR A 557 26.77 1.81 10.29
C THR A 557 26.41 3.08 9.53
N LYS A 558 27.19 4.13 9.77
CA LYS A 558 26.95 5.44 9.19
C LYS A 558 27.40 5.46 7.74
N MET A 559 26.51 5.85 6.86
CA MET A 559 26.79 5.94 5.44
C MET A 559 27.20 7.37 5.06
N HIS A 560 28.07 7.47 4.06
CA HIS A 560 28.53 8.76 3.60
C HIS A 560 27.45 9.48 2.82
N HIS A 561 27.30 10.78 3.04
CA HIS A 561 26.35 11.60 2.31
C HIS A 561 27.10 12.69 1.56
N TYR A 562 27.75 12.30 0.49
CA TYR A 562 28.50 13.28 -0.29
C TYR A 562 27.56 14.24 -1.01
N GLU A 563 26.31 13.85 -1.22
CA GLU A 563 25.40 14.65 -2.01
C GLU A 563 24.92 15.90 -1.29
N LYS A 564 25.25 16.08 -0.01
CA LYS A 564 24.96 17.33 0.66
C LYS A 564 26.18 18.19 0.92
N ASP A 565 27.36 17.77 0.48
CA ASP A 565 28.53 18.64 0.51
C ASP A 565 28.43 19.62 -0.65
N PRO A 566 28.39 20.93 -0.39
CA PRO A 566 28.19 21.87 -1.50
C PRO A 566 29.26 21.77 -2.56
N LYS A 567 30.50 21.51 -2.16
CA LYS A 567 31.57 21.38 -3.14
C LYS A 567 31.31 20.20 -4.06
N VAL A 568 30.84 19.09 -3.50
CA VAL A 568 30.55 17.90 -4.31
C VAL A 568 29.45 18.23 -5.31
N LEU A 569 28.38 18.86 -4.83
CA LEU A 569 27.31 19.31 -5.71
C LEU A 569 27.85 20.23 -6.79
N ALA A 570 28.69 21.19 -6.40
CA ALA A 570 29.27 22.11 -7.37
C ALA A 570 29.99 21.36 -8.47
N LYS A 571 30.94 20.49 -8.09
CA LYS A 571 31.64 19.70 -9.08
C LYS A 571 30.69 18.87 -9.91
N ALA A 572 29.66 18.32 -9.25
CA ALA A 572 28.66 17.57 -10.01
C ALA A 572 27.98 18.46 -11.02
N ALA A 573 27.62 19.68 -10.61
CA ALA A 573 26.98 20.61 -11.53
C ALA A 573 27.88 20.94 -12.70
N VAL A 574 29.16 21.20 -12.43
CA VAL A 574 30.09 21.49 -13.51
C VAL A 574 30.21 20.30 -14.44
N THR A 575 30.31 19.10 -13.87
CA THR A 575 30.47 17.89 -14.66
C THR A 575 29.34 17.71 -15.65
N MET A 576 28.17 18.30 -15.38
CA MET A 576 27.06 18.23 -16.30
C MET A 576 27.41 18.79 -17.67
N PHE A 577 28.31 19.76 -17.74
CA PHE A 577 28.64 20.39 -19.01
C PHE A 577 29.85 19.78 -19.69
N ARG A 578 30.54 18.85 -19.04
CA ARG A 578 31.74 18.24 -19.60
C ARG A 578 31.51 17.53 -20.92
N LEU B 24 -44.43 1.75 42.07
CA LEU B 24 -44.01 0.80 41.05
C LEU B 24 -42.61 1.15 40.55
N SER B 25 -42.16 2.37 40.84
CA SER B 25 -40.92 2.95 40.35
C SER B 25 -41.08 3.41 38.90
N HIS B 26 -40.42 4.50 38.55
CA HIS B 26 -40.48 5.03 37.20
C HIS B 26 -39.93 4.04 36.19
N LYS B 27 -40.49 4.08 34.99
CA LYS B 27 -40.13 3.18 33.92
C LYS B 27 -39.77 3.99 32.68
N ALA B 28 -38.96 3.42 31.79
CA ALA B 28 -38.63 4.04 30.53
C ALA B 28 -38.88 3.06 29.39
N TYR B 29 -39.38 3.56 28.28
CA TYR B 29 -39.69 2.75 27.11
C TYR B 29 -39.00 3.35 25.89
N MET B 30 -38.13 2.59 25.26
CA MET B 30 -37.43 3.00 24.06
C MET B 30 -38.07 2.30 22.87
N ILE B 31 -38.40 3.03 21.84
CA ILE B 31 -38.99 2.47 20.63
C ILE B 31 -37.91 2.51 19.56
N GLY B 32 -37.33 1.37 19.27
CA GLY B 32 -36.17 1.32 18.42
C GLY B 32 -34.96 1.01 19.28
N ALA B 33 -34.02 0.23 18.72
CA ALA B 33 -32.88 -0.23 19.48
C ALA B 33 -31.56 0.29 18.93
N GLY B 34 -31.60 1.35 18.14
CA GLY B 34 -30.40 1.94 17.60
C GLY B 34 -29.57 2.61 18.66
N ILE B 35 -28.45 3.16 18.21
CA ILE B 35 -27.45 3.67 19.15
C ILE B 35 -28.00 4.80 19.98
N GLY B 36 -29.00 5.52 19.46
CA GLY B 36 -29.55 6.63 20.21
C GLY B 36 -30.26 6.16 21.47
N ASN B 37 -31.20 5.23 21.31
CA ASN B 37 -31.92 4.71 22.46
C ASN B 37 -31.02 3.91 23.38
N LEU B 38 -30.04 3.19 22.83
CA LEU B 38 -29.09 2.50 23.69
C LEU B 38 -28.31 3.50 24.54
N SER B 39 -27.92 4.61 23.93
CA SER B 39 -27.18 5.62 24.70
C SER B 39 -28.08 6.29 25.72
N ALA B 40 -29.38 6.42 25.41
CA ALA B 40 -30.32 6.91 26.40
C ALA B 40 -30.33 6.01 27.62
N ALA B 41 -30.42 4.70 27.41
CA ALA B 41 -30.34 3.77 28.54
C ALA B 41 -29.06 3.99 29.34
N VAL B 42 -27.94 4.16 28.65
CA VAL B 42 -26.68 4.35 29.36
C VAL B 42 -26.73 5.61 30.20
N TYR B 43 -27.20 6.72 29.62
CA TYR B 43 -27.29 7.96 30.37
C TYR B 43 -28.22 7.81 31.57
N LEU B 44 -29.33 7.12 31.40
CA LEU B 44 -30.24 6.88 32.51
C LEU B 44 -29.55 6.13 33.64
N ILE B 45 -28.80 5.08 33.31
CA ILE B 45 -28.20 4.24 34.34
C ILE B 45 -27.00 4.93 34.96
N ARG B 46 -26.11 5.49 34.14
CA ARG B 46 -24.87 6.05 34.67
C ARG B 46 -25.10 7.37 35.37
N ASP B 47 -25.71 8.33 34.68
CA ASP B 47 -25.87 9.67 35.22
C ASP B 47 -27.17 9.86 35.97
N GLY B 48 -28.19 9.06 35.68
CA GLY B 48 -29.43 9.15 36.40
C GLY B 48 -29.63 8.13 37.47
N GLU B 49 -28.67 7.22 37.65
CA GLU B 49 -28.71 6.22 38.70
C GLU B 49 -30.00 5.41 38.66
N TRP B 50 -30.51 5.19 37.45
CA TRP B 50 -31.66 4.31 37.30
C TRP B 50 -31.21 2.86 37.45
N ASN B 51 -32.19 1.99 37.63
CA ASN B 51 -31.97 0.56 37.55
C ASN B 51 -32.35 0.08 36.16
N GLY B 52 -31.52 -0.79 35.59
CA GLY B 52 -31.80 -1.29 34.27
C GLY B 52 -33.13 -1.99 34.14
N GLU B 53 -33.63 -2.60 35.22
CA GLU B 53 -34.90 -3.31 35.16
C GLU B 53 -36.04 -2.40 34.74
N ASP B 54 -35.91 -1.11 34.99
CA ASP B 54 -36.94 -0.13 34.69
C ASP B 54 -36.94 0.29 33.23
N ILE B 55 -35.96 -0.13 32.44
CA ILE B 55 -35.80 0.30 31.07
C ILE B 55 -36.15 -0.86 30.16
N THR B 56 -37.05 -0.62 29.22
CA THR B 56 -37.42 -1.61 28.22
C THR B 56 -37.09 -1.03 26.85
N ILE B 57 -36.30 -1.77 26.08
CA ILE B 57 -35.88 -1.34 24.75
C ILE B 57 -36.55 -2.26 23.74
N MET B 58 -37.33 -1.68 22.84
CA MET B 58 -38.13 -2.47 21.91
C MET B 58 -37.64 -2.25 20.49
N GLY B 59 -37.04 -3.29 19.91
CA GLY B 59 -36.67 -3.32 18.53
C GLY B 59 -37.47 -4.35 17.77
N LEU B 60 -37.00 -4.68 16.58
CA LEU B 60 -37.61 -5.72 15.75
C LEU B 60 -36.58 -6.39 14.87
N ALA B 87 -24.42 -17.56 3.16
CA ALA B 87 -23.04 -17.27 3.52
C ALA B 87 -22.61 -15.92 2.96
N GLY B 88 -21.60 -15.35 3.56
CA GLY B 88 -21.19 -14.03 3.17
C GLY B 88 -21.72 -12.98 4.12
N PHE B 89 -20.99 -11.88 4.22
CA PHE B 89 -21.29 -10.84 5.17
C PHE B 89 -22.07 -9.71 4.50
N ILE B 90 -22.71 -8.89 5.31
CA ILE B 90 -23.39 -7.68 4.88
C ILE B 90 -22.92 -6.55 5.77
N ASN B 91 -22.39 -5.50 5.17
CA ASN B 91 -21.86 -4.40 5.96
C ASN B 91 -23.01 -3.59 6.53
N ARG B 92 -23.32 -3.83 7.80
CA ARG B 92 -24.35 -3.08 8.50
C ARG B 92 -23.71 -1.97 9.31
N GLY B 93 -24.39 -0.83 9.40
CA GLY B 93 -24.07 0.12 10.44
C GLY B 93 -23.31 1.33 9.94
N GLY B 94 -22.97 2.17 10.91
CA GLY B 94 -22.21 3.36 10.60
C GLY B 94 -20.79 3.03 10.21
N ARG B 95 -20.24 3.87 9.34
CA ARG B 95 -18.93 3.59 8.75
C ARG B 95 -17.81 4.47 9.26
N MET B 96 -18.11 5.65 9.80
CA MET B 96 -17.08 6.59 10.19
C MET B 96 -17.24 7.03 11.62
N LEU B 97 -16.18 7.63 12.14
CA LEU B 97 -16.16 8.35 13.40
C LEU B 97 -15.06 9.39 13.29
N ASN B 98 -14.92 10.22 14.32
CA ASN B 98 -13.94 11.29 14.30
C ASN B 98 -13.56 11.59 15.73
N GLU B 99 -12.28 11.46 16.06
CA GLU B 99 -11.89 11.60 17.46
C GLU B 99 -11.93 13.05 17.91
N GLU B 100 -11.86 14.00 16.98
CA GLU B 100 -11.90 15.41 17.34
C GLU B 100 -13.30 15.90 17.63
N THR B 101 -14.32 15.20 17.11
CA THR B 101 -15.73 15.45 17.27
C THR B 101 -16.30 14.39 18.22
N TYR B 102 -17.56 14.00 17.98
CA TYR B 102 -18.20 12.86 18.62
C TYR B 102 -18.00 12.87 20.13
N GLU B 103 -17.92 14.05 20.72
CA GLU B 103 -17.67 14.15 22.15
C GLU B 103 -18.65 13.31 22.95
N ASN B 104 -19.90 13.27 22.52
CA ASN B 104 -20.89 12.49 23.27
C ASN B 104 -20.64 11.01 23.10
N LEU B 105 -20.33 10.58 21.88
CA LEU B 105 -20.12 9.15 21.63
C LEU B 105 -18.94 8.62 22.43
N TRP B 106 -17.82 9.32 22.40
CA TRP B 106 -16.66 8.86 23.17
C TRP B 106 -16.97 8.79 24.65
N ASP B 107 -17.79 9.71 25.15
CA ASP B 107 -18.10 9.70 26.58
C ASP B 107 -19.03 8.56 26.93
N VAL B 108 -20.06 8.32 26.12
CA VAL B 108 -20.96 7.21 26.37
C VAL B 108 -20.20 5.89 26.27
N LEU B 109 -19.41 5.75 25.22
CA LEU B 109 -18.71 4.50 24.98
C LEU B 109 -17.56 4.31 25.94
N SER B 110 -17.14 5.35 26.65
CA SER B 110 -16.13 5.18 27.68
C SER B 110 -16.67 4.46 28.89
N ALA B 111 -17.95 4.14 28.94
CA ALA B 111 -18.53 3.42 30.05
C ALA B 111 -19.01 2.03 29.67
N VAL B 112 -18.79 1.63 28.42
CA VAL B 112 -19.16 0.30 27.94
C VAL B 112 -17.88 -0.53 27.90
N PRO B 113 -17.82 -1.67 28.58
CA PRO B 113 -16.61 -2.47 28.54
C PRO B 113 -16.46 -3.13 27.19
N SER B 114 -15.21 -3.32 26.77
CA SER B 114 -14.96 -4.01 25.53
C SER B 114 -15.26 -5.49 25.68
N LEU B 115 -15.96 -6.05 24.71
CA LEU B 115 -16.20 -7.49 24.69
C LEU B 115 -14.97 -8.27 24.27
N ASP B 116 -13.96 -7.63 23.70
CA ASP B 116 -12.80 -8.35 23.22
C ASP B 116 -11.63 -8.24 24.18
N ASN B 117 -11.34 -7.05 24.67
CA ASN B 117 -10.16 -6.86 25.49
C ASN B 117 -10.56 -6.53 26.90
N PRO B 118 -10.36 -7.45 27.85
CA PRO B 118 -10.72 -7.16 29.24
C PRO B 118 -10.07 -5.87 29.72
N GLY B 119 -10.82 -5.12 30.51
CA GLY B 119 -10.30 -3.91 31.10
C GLY B 119 -10.18 -2.74 30.17
N LYS B 120 -10.69 -2.84 28.95
CA LYS B 120 -10.69 -1.71 28.04
C LYS B 120 -12.13 -1.30 27.75
N SER B 121 -12.37 0.00 27.69
CA SER B 121 -13.67 0.47 27.27
C SER B 121 -13.76 0.46 25.76
N VAL B 122 -14.98 0.49 25.25
CA VAL B 122 -15.18 0.56 23.81
C VAL B 122 -14.48 1.77 23.22
N THR B 123 -14.47 2.89 23.95
CA THR B 123 -13.72 4.05 23.49
C THR B 123 -12.24 3.71 23.37
N ASP B 124 -11.72 2.99 24.37
CA ASP B 124 -10.31 2.59 24.34
C ASP B 124 -10.02 1.68 23.17
N ASP B 125 -10.84 0.65 22.98
CA ASP B 125 -10.65 -0.23 21.83
C ASP B 125 -10.55 0.55 20.54
N ILE B 126 -11.50 1.45 20.32
CA ILE B 126 -11.59 2.13 19.04
C ILE B 126 -10.38 3.03 18.82
N LEU B 127 -10.00 3.80 19.83
CA LEU B 127 -8.91 4.73 19.62
C LEU B 127 -7.56 4.01 19.57
N ASP B 128 -7.37 3.01 20.43
CA ASP B 128 -6.15 2.23 20.36
C ASP B 128 -6.00 1.60 18.99
N PHE B 129 -7.07 1.04 18.44
CA PHE B 129 -6.99 0.51 17.08
C PHE B 129 -6.62 1.60 16.10
N ASP B 130 -7.40 2.68 16.08
CA ASP B 130 -7.26 3.68 15.02
C ASP B 130 -5.90 4.33 15.05
N HIS B 131 -5.38 4.61 16.22
CA HIS B 131 -4.06 5.21 16.33
C HIS B 131 -3.00 4.32 15.73
N ALA B 132 -3.16 3.01 15.85
CA ALA B 132 -2.20 2.09 15.27
C ALA B 132 -2.46 1.80 13.81
N HIS B 133 -3.52 2.35 13.23
CA HIS B 133 -3.84 2.11 11.82
C HIS B 133 -4.23 3.41 11.16
N PRO B 134 -3.31 4.36 11.07
CA PRO B 134 -3.66 5.67 10.53
C PRO B 134 -4.07 5.59 9.07
N THR B 135 -4.93 6.52 8.67
CA THR B 135 -5.54 6.51 7.35
C THR B 135 -4.86 7.53 6.46
N HIS B 136 -4.58 7.13 5.23
CA HIS B 136 -4.08 8.08 4.22
C HIS B 136 -4.59 7.58 2.88
N ASP B 137 -5.76 8.07 2.50
CA ASP B 137 -6.33 7.70 1.22
C ASP B 137 -5.41 8.20 0.10
N VAL B 138 -5.12 7.33 -0.85
CA VAL B 138 -4.29 7.67 -1.99
C VAL B 138 -5.10 7.78 -3.25
N ALA B 139 -5.73 6.70 -3.68
CA ALA B 139 -6.67 6.75 -4.81
C ALA B 139 -8.06 7.16 -4.32
N ARG B 140 -8.14 8.35 -3.75
CA ARG B 140 -9.43 8.88 -3.34
C ARG B 140 -10.33 9.14 -4.53
N LEU B 141 -9.79 9.75 -5.58
CA LEU B 141 -10.51 10.04 -6.81
C LEU B 141 -9.82 9.36 -7.99
N ILE B 142 -10.59 8.71 -8.85
CA ILE B 142 -10.09 7.98 -10.00
C ILE B 142 -10.91 8.33 -11.22
N ASP B 143 -10.29 8.89 -12.25
CA ASP B 143 -11.02 9.19 -13.47
C ASP B 143 -10.59 8.27 -14.60
N ARG B 144 -11.08 8.59 -15.80
N ARG B 144 -11.07 8.58 -15.81
CA ARG B 144 -10.77 7.81 -17.00
CA ARG B 144 -10.76 7.73 -16.97
C ARG B 144 -9.28 7.61 -17.19
C ARG B 144 -9.25 7.58 -17.17
N ASP B 145 -8.46 8.56 -16.72
CA ASP B 145 -7.04 8.55 -16.97
C ASP B 145 -6.22 7.97 -15.83
N GLY B 146 -6.77 7.88 -14.63
CA GLY B 146 -6.04 7.27 -13.56
C GLY B 146 -6.29 7.99 -12.26
N ILE B 147 -5.36 7.81 -11.34
CA ILE B 147 -5.52 8.32 -9.99
C ILE B 147 -5.21 9.80 -9.96
N ARG B 148 -6.06 10.57 -9.31
CA ARG B 148 -5.81 11.99 -9.12
C ARG B 148 -4.87 12.21 -7.95
N ASN B 149 -3.68 11.61 -8.10
N ASN B 149 -3.68 11.62 -8.06
CA ASN B 149 -2.59 11.72 -7.15
CA ASN B 149 -2.63 11.83 -7.07
C ASN B 149 -1.60 12.81 -7.53
C ASN B 149 -1.60 12.85 -7.52
N LYS B 150 -1.66 13.26 -8.77
CA LYS B 150 -0.66 14.15 -9.34
C LYS B 150 -1.31 15.00 -10.40
N GLY B 151 -0.61 16.01 -10.83
CA GLY B 151 -0.99 16.73 -12.01
C GLY B 151 -1.98 17.84 -11.73
N GLU B 152 -2.74 18.17 -12.76
CA GLU B 152 -3.62 19.31 -12.66
C GLU B 152 -4.86 18.96 -11.84
N ASN B 153 -5.31 17.72 -11.92
CA ASN B 153 -6.44 17.24 -11.14
C ASN B 153 -6.01 16.61 -9.81
N ASP B 154 -4.79 16.86 -9.36
CA ASP B 154 -4.33 16.35 -8.07
C ASP B 154 -5.37 16.61 -7.00
N TYR B 155 -5.67 15.57 -6.21
CA TYR B 155 -6.74 15.72 -5.25
C TYR B 155 -6.38 16.66 -4.11
N LYS B 156 -5.17 17.19 -4.04
CA LYS B 156 -4.93 18.26 -3.09
C LYS B 156 -5.52 19.58 -3.55
N HIS B 157 -5.98 19.65 -4.79
CA HIS B 157 -6.59 20.84 -5.35
C HIS B 157 -8.10 20.80 -5.14
N MET B 158 -8.60 21.74 -4.35
CA MET B 158 -10.05 21.88 -4.23
C MET B 158 -10.68 22.24 -5.57
N GLN B 159 -9.98 23.05 -6.38
CA GLN B 159 -10.40 23.47 -7.72
C GLN B 159 -11.50 24.52 -7.69
N PHE B 160 -11.47 25.44 -6.73
CA PHE B 160 -12.55 26.40 -6.55
C PHE B 160 -12.38 27.63 -7.44
N ASP B 161 -13.51 28.13 -7.97
CA ASP B 161 -13.61 29.46 -8.56
C ASP B 161 -13.33 30.53 -7.53
N ASN B 162 -13.35 31.78 -7.95
CA ASN B 162 -13.59 32.85 -6.98
C ASN B 162 -15.07 32.91 -6.60
N LYS B 163 -15.95 32.59 -7.54
CA LYS B 163 -17.37 32.50 -7.22
C LYS B 163 -17.62 31.36 -6.24
N ASP B 164 -17.02 30.20 -6.51
CA ASP B 164 -17.17 29.05 -5.61
C ASP B 164 -16.70 29.38 -4.21
N ARG B 165 -15.57 30.09 -4.08
CA ARG B 165 -15.15 30.39 -2.72
C ARG B 165 -16.05 31.41 -2.07
N TYR B 166 -16.64 32.30 -2.87
CA TYR B 166 -17.50 33.32 -2.29
C TYR B 166 -18.77 32.70 -1.72
N LEU B 167 -19.49 31.94 -2.55
CA LEU B 167 -20.71 31.30 -2.08
C LEU B 167 -20.44 30.36 -0.92
N LEU B 168 -19.41 29.51 -1.06
CA LEU B 168 -19.10 28.58 0.02
C LEU B 168 -18.74 29.32 1.31
N THR B 169 -18.02 30.43 1.20
CA THR B 169 -17.68 31.18 2.40
C THR B 169 -18.89 31.88 3.00
N LYS B 170 -19.82 32.34 2.16
CA LYS B 170 -21.03 32.95 2.68
C LYS B 170 -21.86 31.93 3.41
N LEU B 171 -22.04 30.76 2.80
CA LEU B 171 -22.74 29.66 3.45
C LEU B 171 -22.07 29.29 4.76
N MET B 172 -20.75 29.22 4.77
CA MET B 172 -20.05 28.80 5.97
C MET B 172 -20.25 29.78 7.12
N THR B 173 -20.34 31.07 6.80
CA THR B 173 -20.26 32.09 7.82
C THR B 173 -21.61 32.56 8.35
N MET B 174 -22.71 32.15 7.73
CA MET B 174 -24.02 32.36 8.30
C MET B 174 -24.06 31.89 9.74
N PRO B 175 -24.53 32.70 10.68
CA PRO B 175 -24.56 32.28 12.07
C PRO B 175 -25.63 31.22 12.24
N GLU B 176 -25.44 30.37 13.26
CA GLU B 176 -26.41 29.33 13.54
C GLU B 176 -27.81 29.90 13.64
N SER B 177 -27.93 31.08 14.22
CA SER B 177 -29.23 31.70 14.43
C SER B 177 -29.94 32.04 13.13
N ASP B 178 -29.26 32.01 12.00
CA ASP B 178 -29.90 32.34 10.73
C ASP B 178 -30.19 31.11 9.89
N GLU B 179 -30.07 29.92 10.46
CA GLU B 179 -30.18 28.71 9.66
C GLU B 179 -31.47 28.67 8.88
N ALA B 180 -32.53 29.24 9.43
CA ALA B 180 -33.81 29.20 8.75
C ALA B 180 -33.76 29.89 7.40
N LYS B 181 -32.78 30.75 7.18
CA LYS B 181 -32.63 31.37 5.88
C LYS B 181 -32.41 30.34 4.78
N LEU B 182 -31.98 29.13 5.14
CA LEU B 182 -31.69 28.09 4.17
C LEU B 182 -32.85 27.15 3.92
N ASP B 183 -33.99 27.35 4.58
CA ASP B 183 -35.18 26.51 4.44
C ASP B 183 -35.39 26.08 3.00
N ASP B 184 -35.43 24.77 2.80
CA ASP B 184 -35.78 24.12 1.54
C ASP B 184 -34.85 24.46 0.40
N ILE B 185 -33.73 25.09 0.67
CA ILE B 185 -32.74 25.40 -0.35
C ILE B 185 -31.77 24.23 -0.45
N SER B 186 -31.65 23.69 -1.66
CA SER B 186 -30.72 22.61 -1.91
C SER B 186 -29.31 23.15 -2.18
N ILE B 187 -28.33 22.25 -2.18
CA ILE B 187 -26.96 22.64 -2.53
C ILE B 187 -26.92 23.11 -3.99
N GLU B 188 -27.61 22.38 -4.85
CA GLU B 188 -27.78 22.79 -6.24
C GLU B 188 -28.24 24.23 -6.36
N GLN B 189 -29.23 24.62 -5.54
CA GLN B 189 -29.78 25.97 -5.63
C GLN B 189 -28.80 27.01 -5.11
N TRP B 190 -28.21 26.75 -3.95
CA TRP B 190 -27.33 27.74 -3.36
C TRP B 190 -26.16 28.06 -4.27
N PHE B 191 -25.68 27.09 -5.03
CA PHE B 191 -24.65 27.31 -6.03
C PHE B 191 -25.24 27.43 -7.43
N GLU B 192 -26.45 27.98 -7.54
CA GLU B 192 -27.05 28.15 -8.85
C GLU B 192 -26.21 29.05 -9.74
N GLU B 193 -25.56 30.06 -9.16
CA GLU B 193 -24.82 31.05 -9.92
C GLU B 193 -23.50 30.53 -10.43
N THR B 194 -22.93 29.51 -9.80
CA THR B 194 -21.61 29.00 -10.17
C THR B 194 -21.67 27.48 -10.31
N PRO B 195 -22.26 27.00 -11.41
CA PRO B 195 -22.33 25.55 -11.63
C PRO B 195 -20.98 24.87 -11.67
N HIS B 196 -19.90 25.63 -11.81
CA HIS B 196 -18.56 25.06 -11.82
C HIS B 196 -18.29 24.27 -10.57
N PHE B 197 -18.92 24.66 -9.45
CA PHE B 197 -18.74 23.97 -8.18
C PHE B 197 -18.92 22.47 -8.31
N PHE B 198 -19.93 22.03 -9.05
CA PHE B 198 -20.22 20.62 -9.15
C PHE B 198 -19.31 19.89 -10.10
N THR B 199 -18.20 20.51 -10.45
CA THR B 199 -17.15 19.84 -11.19
C THR B 199 -15.84 19.81 -10.42
N THR B 200 -15.83 20.32 -9.19
CA THR B 200 -14.59 20.43 -8.44
C THR B 200 -14.26 19.12 -7.73
N ASN B 201 -12.98 18.93 -7.47
CA ASN B 201 -12.57 17.82 -6.63
C ASN B 201 -13.30 17.85 -5.31
N PHE B 202 -13.49 19.04 -4.74
CA PHE B 202 -14.15 19.12 -3.45
C PHE B 202 -15.55 18.56 -3.51
N TRP B 203 -16.31 18.90 -4.55
CA TRP B 203 -17.65 18.35 -4.62
C TRP B 203 -17.59 16.83 -4.73
N TYR B 204 -16.76 16.32 -5.63
CA TYR B 204 -16.64 14.88 -5.79
C TYR B 204 -16.25 14.19 -4.48
N MET B 205 -15.30 14.76 -3.76
CA MET B 205 -14.92 14.15 -2.50
C MET B 205 -16.02 14.30 -1.47
N TRP B 206 -16.63 15.49 -1.38
CA TRP B 206 -17.60 15.74 -0.33
C TRP B 206 -18.87 14.95 -0.53
N GLU B 207 -19.36 14.87 -1.77
CA GLU B 207 -20.60 14.17 -1.96
C GLU B 207 -20.44 12.67 -1.74
N THR B 208 -19.30 12.10 -2.08
CA THR B 208 -19.15 10.66 -1.89
C THR B 208 -18.75 10.31 -0.48
N THR B 209 -18.06 11.19 0.23
CA THR B 209 -17.72 10.89 1.61
C THR B 209 -18.97 10.63 2.43
N PHE B 210 -19.99 11.45 2.27
CA PHE B 210 -21.18 11.39 3.09
C PHE B 210 -22.41 10.91 2.35
N ALA B 211 -22.31 10.61 1.06
CA ALA B 211 -23.46 10.25 0.25
C ALA B 211 -24.49 11.38 0.22
N PHE B 212 -24.03 12.53 -0.24
CA PHE B 212 -24.84 13.71 -0.45
C PHE B 212 -25.19 13.86 -1.92
N LYS B 213 -26.39 14.30 -2.20
CA LYS B 213 -26.74 14.65 -3.55
C LYS B 213 -26.79 16.18 -3.65
N ARG B 214 -26.73 16.68 -4.88
CA ARG B 214 -26.81 18.12 -5.03
C ARG B 214 -28.19 18.65 -4.69
N VAL B 215 -29.20 17.79 -4.73
CA VAL B 215 -30.56 18.17 -4.44
C VAL B 215 -30.83 18.18 -2.94
N SER B 216 -29.80 18.00 -2.14
CA SER B 216 -30.00 17.83 -0.72
C SER B 216 -29.84 19.13 0.04
N SER B 217 -30.09 19.06 1.35
CA SER B 217 -30.19 20.26 2.15
C SER B 217 -28.84 20.96 2.30
N ALA B 218 -28.77 22.19 1.84
CA ALA B 218 -27.59 23.00 2.05
C ALA B 218 -27.32 23.26 3.52
N MET B 219 -28.28 23.02 4.41
CA MET B 219 -28.02 23.26 5.82
C MET B 219 -26.90 22.39 6.34
N GLU B 220 -26.85 21.15 5.86
CA GLU B 220 -25.85 20.22 6.37
C GLU B 220 -24.46 20.60 5.89
N LEU B 221 -24.34 20.98 4.62
CA LEU B 221 -23.07 21.48 4.12
C LEU B 221 -22.59 22.64 4.97
N ARG B 222 -23.51 23.48 5.42
CA ARG B 222 -23.11 24.54 6.32
C ARG B 222 -22.62 23.97 7.64
N ARG B 223 -23.36 22.99 8.19
CA ARG B 223 -22.95 22.39 9.46
C ARG B 223 -21.63 21.66 9.34
N TYR B 224 -21.39 21.03 8.18
CA TYR B 224 -20.10 20.41 7.95
C TYR B 224 -18.99 21.44 8.09
N MET B 225 -19.07 22.53 7.34
CA MET B 225 -18.02 23.53 7.31
C MET B 225 -17.80 24.19 8.66
N ASN B 226 -18.65 23.95 9.65
CA ASN B 226 -18.43 24.46 10.99
C ASN B 226 -18.08 23.37 12.00
N ARG B 227 -18.87 22.29 12.03
CA ARG B 227 -18.56 21.19 12.94
C ARG B 227 -17.30 20.45 12.49
N MET B 228 -17.17 20.23 11.18
CA MET B 228 -16.06 19.47 10.61
C MET B 228 -14.98 20.38 10.05
N ILE B 229 -14.87 21.60 10.57
CA ILE B 229 -13.93 22.57 10.00
C ILE B 229 -12.53 21.97 9.90
N LEU B 230 -12.09 21.24 10.93
CA LEU B 230 -10.76 20.66 10.92
C LEU B 230 -10.58 19.68 9.76
N GLU B 231 -11.63 18.99 9.38
CA GLU B 231 -11.49 17.99 8.33
C GLU B 231 -11.45 18.59 6.94
N PHE B 232 -11.72 19.90 6.83
CA PHE B 232 -11.75 20.51 5.51
C PHE B 232 -10.39 20.40 4.83
N SER B 233 -9.33 20.76 5.56
CA SER B 233 -7.99 20.69 5.01
C SER B 233 -7.49 19.27 4.81
N ARG B 234 -8.11 18.26 5.45
CA ARG B 234 -7.72 16.86 5.30
C ARG B 234 -8.80 16.05 4.62
N ILE B 235 -9.63 16.65 3.80
CA ILE B 235 -10.70 15.89 3.22
C ILE B 235 -10.19 14.89 2.19
N GLN B 236 -9.04 15.15 1.57
CA GLN B 236 -8.63 14.31 0.46
C GLN B 236 -7.92 13.04 0.93
N THR B 237 -7.20 13.10 2.05
CA THR B 237 -6.58 11.92 2.61
C THR B 237 -7.47 11.22 3.61
N LEU B 238 -8.52 11.89 4.09
CA LEU B 238 -9.39 11.37 5.13
C LEU B 238 -8.60 10.95 6.36
N ALA B 239 -7.46 11.60 6.58
CA ALA B 239 -6.63 11.30 7.72
C ALA B 239 -7.33 11.53 9.05
N GLY B 240 -8.44 12.26 9.05
CA GLY B 240 -9.15 12.53 10.29
C GLY B 240 -10.17 11.47 10.64
N VAL B 241 -10.50 10.64 9.66
CA VAL B 241 -11.41 9.53 9.90
C VAL B 241 -10.86 8.65 11.01
N THR B 242 -11.75 8.24 11.92
CA THR B 242 -11.44 7.31 12.99
C THR B 242 -12.24 6.03 12.78
N ARG B 243 -11.55 4.90 12.73
CA ARG B 243 -12.23 3.63 12.48
C ARG B 243 -12.24 2.79 13.74
N SER B 244 -13.28 1.99 13.87
CA SER B 244 -13.31 0.96 14.89
C SER B 244 -12.68 -0.30 14.33
N PRO B 245 -12.23 -1.22 15.19
CA PRO B 245 -11.55 -2.41 14.68
C PRO B 245 -12.42 -3.24 13.74
N TYR B 246 -13.68 -3.44 14.08
CA TYR B 246 -14.60 -4.16 13.20
C TYR B 246 -15.72 -3.22 12.78
N ASN B 247 -16.65 -3.75 12.01
CA ASN B 247 -17.81 -2.93 11.66
C ASN B 247 -18.57 -2.57 12.93
N GLN B 248 -19.30 -1.46 12.87
CA GLN B 248 -19.74 -0.81 14.10
C GLN B 248 -20.84 -1.57 14.80
N TYR B 249 -21.60 -2.38 14.09
CA TYR B 249 -22.55 -3.23 14.78
C TYR B 249 -21.85 -4.13 15.78
N GLU B 250 -20.71 -4.71 15.39
CA GLU B 250 -19.95 -5.58 16.28
C GLU B 250 -19.06 -4.82 17.23
N SER B 251 -18.52 -3.69 16.79
CA SER B 251 -17.60 -2.94 17.62
C SER B 251 -18.30 -2.03 18.62
N ILE B 252 -19.53 -1.59 18.32
CA ILE B 252 -20.25 -0.63 19.15
C ILE B 252 -21.58 -1.19 19.65
N ILE B 253 -22.41 -1.68 18.74
CA ILE B 253 -23.77 -2.04 19.13
C ILE B 253 -23.76 -3.19 20.12
N LEU B 254 -23.09 -4.29 19.78
CA LEU B 254 -23.16 -5.47 20.63
C LEU B 254 -22.48 -5.25 21.98
N PRO B 255 -21.35 -4.58 22.05
CA PRO B 255 -20.87 -4.19 23.37
C PRO B 255 -21.91 -3.43 24.16
N MET B 256 -22.66 -2.54 23.52
CA MET B 256 -23.67 -1.77 24.23
C MET B 256 -24.82 -2.64 24.72
N ARG B 257 -25.38 -3.46 23.84
CA ARG B 257 -26.50 -4.28 24.28
C ARG B 257 -26.08 -5.21 25.40
N THR B 258 -24.86 -5.74 25.33
CA THR B 258 -24.37 -6.64 26.36
C THR B 258 -24.24 -5.95 27.70
N PHE B 259 -23.61 -4.78 27.71
CA PHE B 259 -23.49 -4.03 28.95
C PHE B 259 -24.85 -3.72 29.54
N LEU B 260 -25.78 -3.26 28.71
CA LEU B 260 -27.10 -2.91 29.20
C LEU B 260 -27.82 -4.16 29.69
N GLU B 261 -27.81 -5.22 28.88
CA GLU B 261 -28.39 -6.49 29.30
C GLU B 261 -27.84 -6.94 30.64
N GLY B 262 -26.56 -6.67 30.88
CA GLY B 262 -25.98 -6.98 32.16
C GLY B 262 -26.47 -6.10 33.29
N LYS B 263 -26.95 -4.91 32.98
CA LYS B 263 -27.48 -4.05 34.03
C LYS B 263 -28.97 -4.27 34.28
N GLY B 264 -29.59 -5.19 33.56
CA GLY B 264 -30.97 -5.55 33.77
C GLY B 264 -31.93 -5.05 32.72
N VAL B 265 -31.46 -4.27 31.75
CA VAL B 265 -32.36 -3.70 30.77
C VAL B 265 -33.06 -4.80 30.01
N LYS B 266 -34.36 -4.65 29.84
CA LYS B 266 -35.17 -5.62 29.15
C LYS B 266 -35.17 -5.28 27.67
N PHE B 267 -34.89 -6.28 26.84
CA PHE B 267 -34.90 -6.12 25.40
C PHE B 267 -36.07 -6.90 24.85
N VAL B 268 -36.88 -6.27 24.02
CA VAL B 268 -38.05 -6.89 23.43
C VAL B 268 -37.94 -6.72 21.93
N ASN B 269 -38.29 -7.77 21.18
CA ASN B 269 -38.25 -7.64 19.74
C ASN B 269 -39.43 -8.31 19.05
N GLU B 270 -40.53 -8.52 19.76
CA GLU B 270 -41.75 -9.03 19.13
C GLU B 270 -42.91 -8.06 19.20
N LEU B 271 -42.73 -6.89 19.79
CA LEU B 271 -43.80 -5.91 19.97
C LEU B 271 -43.65 -4.82 18.94
N LYS B 272 -44.67 -4.63 18.11
CA LYS B 272 -44.77 -3.48 17.21
C LYS B 272 -45.61 -2.42 17.88
N ILE B 273 -44.98 -1.33 18.31
CA ILE B 273 -45.73 -0.22 18.87
C ILE B 273 -46.51 0.46 17.75
N THR B 274 -47.83 0.46 17.87
CA THR B 274 -48.69 0.85 16.76
C THR B 274 -49.28 2.24 16.87
N GLU B 275 -49.39 2.83 18.06
CA GLU B 275 -50.01 4.13 18.18
C GLU B 275 -49.70 4.70 19.55
N PHE B 276 -49.42 6.00 19.59
CA PHE B 276 -49.33 6.70 20.86
C PHE B 276 -50.72 6.95 21.42
N VAL B 277 -50.80 6.99 22.73
CA VAL B 277 -52.02 7.36 23.43
C VAL B 277 -51.68 8.55 24.30
N PHE B 278 -52.29 9.69 23.99
CA PHE B 278 -52.03 10.94 24.68
C PHE B 278 -53.19 11.33 25.57
N LYS B 279 -52.87 11.95 26.70
CA LYS B 279 -53.87 12.56 27.55
C LYS B 279 -54.35 13.87 26.92
N ASP B 280 -55.64 14.14 27.04
CA ASP B 280 -56.16 15.38 26.52
C ASP B 280 -56.11 16.47 27.58
N THR B 281 -55.95 17.71 27.13
CA THR B 281 -55.93 18.88 27.98
C THR B 281 -56.75 19.95 27.30
N PRO B 282 -57.26 20.93 28.06
CA PRO B 282 -58.12 21.96 27.44
C PRO B 282 -57.43 22.71 26.33
N LEU B 283 -56.18 23.14 26.54
CA LEU B 283 -55.45 23.89 25.54
C LEU B 283 -54.76 23.02 24.50
N ARG B 284 -54.64 21.71 24.75
CA ARG B 284 -54.15 20.72 23.79
C ARG B 284 -52.72 20.98 23.34
N ASP B 285 -51.93 21.62 24.18
CA ASP B 285 -50.52 21.84 23.89
C ASP B 285 -49.65 20.74 24.47
N GLU B 286 -49.93 20.36 25.71
CA GLU B 286 -49.11 19.41 26.43
C GLU B 286 -49.13 18.06 25.73
N ILE B 287 -47.97 17.43 25.65
CA ILE B 287 -47.85 16.08 25.15
C ILE B 287 -47.58 15.18 26.33
N ILE B 288 -48.56 14.33 26.66
CA ILE B 288 -48.48 13.40 27.77
C ILE B 288 -48.90 12.05 27.22
N VAL B 289 -47.94 11.15 27.05
CA VAL B 289 -48.26 9.80 26.61
C VAL B 289 -48.76 9.02 27.80
N THR B 290 -49.92 8.42 27.65
CA THR B 290 -50.48 7.57 28.69
C THR B 290 -50.41 6.10 28.35
N GLY B 291 -50.37 5.75 27.07
CA GLY B 291 -50.27 4.37 26.68
C GLY B 291 -49.54 4.21 25.37
N LEU B 292 -49.12 2.96 25.10
CA LEU B 292 -48.56 2.57 23.82
C LEU B 292 -49.34 1.37 23.31
N ASP B 293 -50.10 1.56 22.23
CA ASP B 293 -50.81 0.44 21.65
C ASP B 293 -49.83 -0.40 20.85
N TYR B 294 -49.87 -1.71 21.05
CA TYR B 294 -48.94 -2.60 20.39
C TYR B 294 -49.68 -3.74 19.71
N GLU B 295 -48.97 -4.38 18.80
CA GLU B 295 -49.32 -5.68 18.27
C GLU B 295 -48.16 -6.60 18.59
N ASN B 296 -48.47 -7.78 19.11
CA ASN B 296 -47.46 -8.82 19.27
C ASN B 296 -47.32 -9.53 17.93
N VAL B 297 -46.13 -9.44 17.33
CA VAL B 297 -46.02 -9.83 15.94
C VAL B 297 -46.01 -11.34 15.76
N ARG B 298 -45.78 -12.11 16.82
CA ARG B 298 -45.87 -13.54 16.69
C ARG B 298 -47.24 -14.07 17.09
N THR B 299 -47.83 -13.60 18.20
CA THR B 299 -49.14 -14.12 18.56
C THR B 299 -50.22 -13.51 17.69
N GLY B 300 -50.12 -12.22 17.41
CA GLY B 300 -51.18 -11.48 16.80
C GLY B 300 -52.03 -10.72 17.79
N GLU B 301 -51.67 -10.71 19.06
CA GLU B 301 -52.49 -10.09 20.08
C GLU B 301 -52.16 -8.61 20.18
N LYS B 302 -53.20 -7.81 20.27
CA LYS B 302 -53.06 -6.37 20.40
C LYS B 302 -53.23 -5.99 21.86
N GLY B 303 -52.69 -4.85 22.24
CA GLY B 303 -52.75 -4.46 23.63
C GLY B 303 -52.13 -3.10 23.84
N ARG B 304 -51.98 -2.74 25.11
CA ARG B 304 -51.59 -1.40 25.47
C ARG B 304 -50.64 -1.43 26.65
N ILE B 305 -49.49 -0.81 26.48
CA ILE B 305 -48.60 -0.57 27.61
C ILE B 305 -49.06 0.69 28.29
N ASP B 306 -49.29 0.62 29.59
CA ASP B 306 -49.68 1.82 30.31
C ASP B 306 -48.42 2.59 30.66
N VAL B 307 -48.42 3.87 30.33
CA VAL B 307 -47.32 4.76 30.67
C VAL B 307 -47.79 5.63 31.82
N ALA B 308 -47.17 5.45 32.98
CA ALA B 308 -47.59 6.14 34.17
C ALA B 308 -47.09 7.57 34.12
N GLU B 309 -47.43 8.34 35.16
CA GLU B 309 -47.04 9.75 35.18
C GLU B 309 -45.53 9.90 35.17
N GLY B 310 -44.84 9.15 36.01
CA GLY B 310 -43.41 9.27 36.07
C GLY B 310 -42.64 8.55 34.97
N ASP B 311 -43.31 7.89 34.05
CA ASP B 311 -42.65 7.12 33.01
C ASP B 311 -42.30 8.00 31.81
N PHE B 312 -41.26 7.60 31.09
CA PHE B 312 -40.75 8.34 29.94
C PHE B 312 -40.72 7.45 28.70
N VAL B 313 -40.91 8.06 27.53
CA VAL B 313 -40.94 7.34 26.27
C VAL B 313 -39.96 7.99 25.32
N PHE B 314 -39.16 7.18 24.63
CA PHE B 314 -38.13 7.64 23.69
C PHE B 314 -38.40 7.00 22.34
N ASP B 315 -38.74 7.80 21.35
CA ASP B 315 -39.08 7.29 20.03
C ASP B 315 -38.00 7.65 19.04
N THR B 316 -37.68 6.71 18.18
CA THR B 316 -36.79 6.96 17.05
C THR B 316 -37.71 7.17 15.86
N ASN B 317 -37.95 8.43 15.54
CA ASN B 317 -38.92 8.79 14.50
C ASN B 317 -38.24 8.70 13.15
N GLY B 318 -38.15 7.50 12.64
CA GLY B 318 -37.57 7.31 11.33
C GLY B 318 -36.16 6.78 11.41
N SER B 319 -35.78 5.99 10.41
CA SER B 319 -34.43 5.44 10.35
C SER B 319 -34.02 5.35 8.90
N ILE B 320 -32.73 5.60 8.64
CA ILE B 320 -32.24 5.58 7.27
C ILE B 320 -32.24 4.20 6.67
N THR B 321 -32.40 3.15 7.47
CA THR B 321 -32.41 1.79 6.95
C THR B 321 -33.81 1.22 6.82
N ASP B 322 -34.84 2.02 7.09
CA ASP B 322 -36.20 1.55 6.92
C ASP B 322 -36.45 1.17 5.47
N SER B 323 -37.25 0.13 5.28
CA SER B 323 -37.69 -0.30 3.96
C SER B 323 -36.54 -0.70 3.04
N SER B 324 -35.41 -1.05 3.60
CA SER B 324 -34.31 -1.55 2.78
C SER B 324 -34.52 -3.03 2.47
N SER B 325 -33.96 -3.46 1.35
CA SER B 325 -34.04 -4.84 0.96
C SER B 325 -32.68 -5.31 0.42
N ILE B 326 -32.50 -6.62 0.35
CA ILE B 326 -31.24 -7.20 -0.04
C ILE B 326 -31.49 -8.28 -1.08
N GLY B 327 -30.48 -8.52 -1.90
CA GLY B 327 -30.50 -9.64 -2.82
C GLY B 327 -29.36 -10.58 -2.49
N ASP B 328 -28.87 -11.33 -3.47
CA ASP B 328 -27.66 -12.11 -3.26
C ASP B 328 -26.90 -12.15 -4.59
N LEU B 329 -25.96 -13.07 -4.71
CA LEU B 329 -25.06 -13.08 -5.84
C LEU B 329 -25.79 -13.16 -7.16
N ASP B 330 -26.93 -13.85 -7.20
CA ASP B 330 -27.64 -14.06 -8.45
C ASP B 330 -29.04 -13.45 -8.46
N THR B 331 -29.37 -12.59 -7.51
CA THR B 331 -30.72 -12.08 -7.38
C THR B 331 -30.70 -10.59 -7.12
N PRO B 332 -31.39 -9.80 -7.93
CA PRO B 332 -31.47 -8.37 -7.66
C PRO B 332 -32.42 -8.08 -6.53
N ILE B 333 -32.28 -6.88 -5.96
CA ILE B 333 -33.16 -6.51 -4.88
C ILE B 333 -34.57 -6.32 -5.42
N VAL B 334 -35.53 -6.36 -4.50
CA VAL B 334 -36.89 -5.94 -4.77
C VAL B 334 -37.17 -4.75 -3.87
N GLU B 335 -37.50 -3.62 -4.49
CA GLU B 335 -37.70 -2.39 -3.73
C GLU B 335 -38.94 -2.52 -2.86
N ASP B 336 -38.77 -2.31 -1.56
CA ASP B 336 -39.88 -2.28 -0.61
C ASP B 336 -40.54 -0.92 -0.70
N MET B 337 -41.75 -0.87 -1.23
CA MET B 337 -42.41 0.41 -1.49
C MET B 337 -43.09 1.01 -0.26
N ARG B 338 -43.04 0.34 0.88
CA ARG B 338 -43.74 0.82 2.05
C ARG B 338 -43.09 2.09 2.60
N TYR B 339 -43.92 2.95 3.16
CA TYR B 339 -43.45 4.15 3.83
C TYR B 339 -42.69 3.74 5.09
N ALA B 340 -41.65 4.50 5.40
CA ALA B 340 -40.75 4.25 6.51
C ALA B 340 -41.52 3.86 7.76
N PRO B 341 -41.46 2.58 8.15
CA PRO B 341 -42.31 2.14 9.26
C PRO B 341 -41.96 2.76 10.59
N SER B 342 -40.71 3.11 10.82
CA SER B 342 -40.38 3.70 12.10
C SER B 342 -40.79 5.16 12.21
N ALA B 343 -41.40 5.69 11.16
CA ALA B 343 -41.89 7.06 11.17
C ALA B 343 -43.39 7.16 11.38
N LEU B 344 -44.09 6.04 11.47
CA LEU B 344 -45.55 6.07 11.52
C LEU B 344 -46.06 6.61 12.85
N LEU B 345 -45.42 6.27 13.95
CA LEU B 345 -45.81 6.87 15.22
C LEU B 345 -45.69 8.38 15.16
N TRP B 346 -44.64 8.87 14.49
CA TRP B 346 -44.43 10.30 14.33
C TRP B 346 -45.53 10.92 13.47
N LYS B 347 -45.73 10.39 12.28
CA LYS B 347 -46.75 10.91 11.38
C LYS B 347 -48.12 10.88 12.02
N GLN B 348 -48.40 9.88 12.85
CA GLN B 348 -49.70 9.81 13.48
C GLN B 348 -49.85 10.84 14.58
N ALA B 349 -48.77 11.14 15.27
CA ALA B 349 -48.85 12.16 16.31
C ALA B 349 -49.15 13.54 15.73
N THR B 350 -48.78 13.80 14.47
CA THR B 350 -49.09 15.09 13.90
C THR B 350 -50.58 15.24 13.65
N GLU B 351 -51.33 14.16 13.72
CA GLU B 351 -52.78 14.25 13.73
C GLU B 351 -53.31 14.84 15.02
N HIS B 352 -52.46 15.08 16.01
CA HIS B 352 -52.94 15.55 17.31
C HIS B 352 -52.22 16.80 17.77
N PHE B 353 -50.98 16.97 17.34
CA PHE B 353 -50.21 18.13 17.75
C PHE B 353 -49.63 18.80 16.52
N TYR B 354 -49.42 20.10 16.62
CA TYR B 354 -49.02 20.91 15.48
C TYR B 354 -47.54 21.24 15.45
N ASP B 355 -46.80 21.01 16.52
CA ASP B 355 -45.41 21.43 16.63
C ASP B 355 -44.45 20.25 16.49
N LEU B 356 -44.75 19.32 15.59
CA LEU B 356 -43.95 18.12 15.46
C LEU B 356 -43.28 17.91 14.11
N GLY B 357 -43.49 18.76 13.12
CA GLY B 357 -42.74 18.64 11.90
C GLY B 357 -43.54 18.03 10.78
N ASN B 358 -42.82 17.69 9.70
N ASN B 358 -42.83 17.69 9.70
CA ASN B 358 -43.43 17.12 8.50
CA ASN B 358 -43.44 17.12 8.49
C ASN B 358 -42.60 15.92 8.08
C ASN B 358 -42.62 15.92 8.06
N PRO B 359 -42.92 14.73 8.58
CA PRO B 359 -42.17 13.54 8.18
C PRO B 359 -42.19 13.26 6.70
N ASP B 360 -43.20 13.70 5.96
CA ASP B 360 -43.17 13.42 4.53
C ASP B 360 -42.02 14.14 3.84
N LYS B 361 -41.50 15.21 4.43
CA LYS B 361 -40.33 15.85 3.85
C LYS B 361 -39.16 14.88 3.74
N PHE B 362 -39.06 13.94 4.66
CA PHE B 362 -37.93 13.04 4.68
C PHE B 362 -38.23 11.70 4.04
N PHE B 363 -39.45 11.22 4.12
CA PHE B 363 -39.75 9.89 3.63
C PHE B 363 -40.69 9.89 2.45
N GLY B 364 -40.96 11.06 1.86
CA GLY B 364 -41.81 11.18 0.72
C GLY B 364 -41.12 11.42 -0.60
N ASP B 365 -39.79 11.50 -0.62
CA ASP B 365 -39.06 11.81 -1.85
C ASP B 365 -37.84 10.90 -1.93
N ARG B 366 -38.07 9.66 -2.36
CA ARG B 366 -36.98 8.70 -2.49
C ARG B 366 -35.92 9.15 -3.47
N ALA B 367 -36.28 9.97 -4.46
CA ALA B 367 -35.27 10.48 -5.39
C ALA B 367 -34.20 11.24 -4.65
N GLN B 368 -34.55 11.93 -3.57
CA GLN B 368 -33.54 12.62 -2.80
C GLN B 368 -32.71 11.66 -1.97
N SER B 369 -33.29 10.54 -1.53
CA SER B 369 -32.74 9.81 -0.41
C SER B 369 -32.17 8.44 -0.75
N GLU B 370 -32.59 7.84 -1.86
CA GLU B 370 -32.25 6.45 -2.12
C GLU B 370 -30.81 6.33 -2.62
N TRP B 371 -30.15 5.25 -2.22
CA TRP B 371 -28.98 4.75 -2.94
C TRP B 371 -28.79 3.27 -2.60
N THR B 372 -27.80 2.67 -3.25
CA THR B 372 -27.61 1.22 -3.25
C THR B 372 -26.17 0.87 -2.95
N SER B 373 -25.98 -0.19 -2.17
CA SER B 373 -24.67 -0.64 -1.72
C SER B 373 -24.56 -2.13 -1.95
N PHE B 374 -23.40 -2.70 -1.63
CA PHE B 374 -23.20 -4.13 -1.74
C PHE B 374 -21.96 -4.53 -0.98
N THR B 375 -21.97 -5.75 -0.46
CA THR B 375 -20.85 -6.31 0.28
C THR B 375 -20.35 -7.55 -0.44
N VAL B 376 -19.04 -7.63 -0.67
CA VAL B 376 -18.42 -8.75 -1.34
C VAL B 376 -17.63 -9.55 -0.32
N THR B 377 -17.77 -10.88 -0.36
CA THR B 377 -16.99 -11.81 0.44
C THR B 377 -16.27 -12.76 -0.49
N THR B 378 -14.96 -12.88 -0.31
CA THR B 378 -14.15 -13.82 -1.07
C THR B 378 -13.46 -14.80 -0.14
N SER B 379 -13.14 -15.96 -0.71
CA SER B 379 -12.50 -17.05 0.01
C SER B 379 -10.99 -17.02 -0.06
N SER B 380 -10.41 -16.03 -0.73
CA SER B 380 -8.96 -15.86 -0.75
C SER B 380 -8.67 -14.38 -0.71
N HIS B 381 -7.45 -14.03 -0.36
CA HIS B 381 -7.04 -12.63 -0.33
C HIS B 381 -6.82 -12.04 -1.70
N GLU B 382 -7.01 -12.81 -2.78
CA GLU B 382 -6.55 -12.33 -4.08
C GLU B 382 -7.22 -11.03 -4.49
N LEU B 383 -8.55 -11.00 -4.53
CA LEU B 383 -9.24 -9.82 -5.02
C LEU B 383 -8.89 -8.59 -4.22
N ILE B 384 -8.76 -8.73 -2.91
CA ILE B 384 -8.34 -7.59 -2.12
C ILE B 384 -6.91 -7.21 -2.46
N ASN B 385 -6.03 -8.20 -2.64
CA ASN B 385 -4.66 -7.90 -3.04
C ASN B 385 -4.65 -7.10 -4.33
N GLU B 386 -5.42 -7.54 -5.32
CA GLU B 386 -5.46 -6.84 -6.58
C GLU B 386 -5.98 -5.42 -6.42
N ILE B 387 -7.06 -5.24 -5.67
CA ILE B 387 -7.58 -3.89 -5.45
C ILE B 387 -6.54 -3.03 -4.76
N SER B 388 -5.84 -3.59 -3.78
N SER B 388 -5.85 -3.58 -3.76
CA SER B 388 -4.84 -2.82 -3.06
CA SER B 388 -4.83 -2.82 -3.06
C SER B 388 -3.69 -2.43 -3.98
C SER B 388 -3.72 -2.41 -4.01
N ARG B 389 -3.33 -3.31 -4.91
CA ARG B 389 -2.25 -2.99 -5.83
C ARG B 389 -2.69 -1.91 -6.79
N ILE B 390 -3.84 -2.09 -7.42
CA ILE B 390 -4.31 -1.18 -8.44
C ILE B 390 -4.56 0.20 -7.87
N THR B 391 -5.01 0.29 -6.64
CA THR B 391 -5.31 1.57 -6.03
C THR B 391 -4.13 2.14 -5.26
N LYS B 392 -3.02 1.42 -5.20
CA LYS B 392 -1.77 1.91 -4.62
C LYS B 392 -1.94 2.24 -3.14
N GLN B 393 -2.58 1.33 -2.42
CA GLN B 393 -3.14 1.63 -1.12
C GLN B 393 -3.34 0.32 -0.37
N LEU B 394 -2.97 0.29 0.89
CA LEU B 394 -3.23 -0.92 1.66
C LEU B 394 -4.64 -0.89 2.24
N PRO B 395 -5.22 -2.05 2.57
CA PRO B 395 -6.56 -2.08 3.15
C PRO B 395 -6.70 -1.21 4.39
N GLY B 396 -7.84 -0.53 4.49
CA GLY B 396 -8.13 0.33 5.61
C GLY B 396 -7.76 1.78 5.43
N ASN B 397 -7.63 2.25 4.19
CA ASN B 397 -7.22 3.62 3.92
C ASN B 397 -8.31 4.39 3.19
N ALA B 398 -9.56 4.19 3.60
CA ALA B 398 -10.70 5.00 3.17
C ALA B 398 -11.05 4.76 1.71
N LEU B 399 -12.12 5.39 1.25
CA LEU B 399 -12.81 4.95 0.05
C LEU B 399 -12.16 5.48 -1.23
N ASN B 400 -12.50 4.83 -2.32
CA ASN B 400 -11.98 5.13 -3.64
C ASN B 400 -13.15 5.35 -4.57
N THR B 401 -13.21 6.52 -5.19
CA THR B 401 -14.36 6.95 -5.98
C THR B 401 -13.99 7.02 -7.46
N PHE B 402 -14.81 6.41 -8.31
CA PHE B 402 -14.65 6.49 -9.75
C PHE B 402 -15.47 7.66 -10.28
N VAL B 403 -14.86 8.83 -10.33
CA VAL B 403 -15.63 10.04 -10.59
C VAL B 403 -16.17 10.10 -12.01
N ASP B 404 -15.64 9.33 -12.94
CA ASP B 404 -16.19 9.28 -14.29
C ASP B 404 -17.10 8.09 -14.46
N SER B 405 -17.43 7.42 -13.37
CA SER B 405 -18.39 6.32 -13.42
C SER B 405 -19.79 6.85 -13.61
N ASN B 406 -20.58 6.17 -14.43
CA ASN B 406 -21.91 6.66 -14.73
C ASN B 406 -22.78 6.71 -13.47
N VAL B 407 -22.67 5.68 -12.62
CA VAL B 407 -23.50 5.59 -11.42
C VAL B 407 -22.83 6.19 -10.21
N LEU B 408 -21.66 6.80 -10.37
CA LEU B 408 -20.85 7.33 -9.28
C LEU B 408 -20.59 6.25 -8.21
N LEU B 409 -19.78 5.29 -8.63
CA LEU B 409 -19.41 4.15 -7.79
C LEU B 409 -18.21 4.47 -6.91
N SER B 410 -18.31 4.15 -5.63
CA SER B 410 -17.19 4.19 -4.72
C SER B 410 -17.06 2.83 -4.06
N ILE B 411 -15.85 2.48 -3.63
CA ILE B 411 -15.63 1.24 -2.91
C ILE B 411 -14.82 1.54 -1.66
N VAL B 412 -14.96 0.68 -0.66
CA VAL B 412 -14.19 0.78 0.57
C VAL B 412 -13.60 -0.58 0.86
N VAL B 413 -12.29 -0.63 1.11
CA VAL B 413 -11.61 -1.84 1.57
C VAL B 413 -11.17 -1.60 2.99
N HIS B 414 -11.80 -2.26 3.94
CA HIS B 414 -11.50 -2.04 5.34
C HIS B 414 -10.24 -2.77 5.72
N HIS B 415 -9.74 -2.46 6.91
CA HIS B 415 -8.75 -3.31 7.52
C HIS B 415 -9.33 -4.72 7.64
N GLN B 416 -8.54 -5.72 7.30
CA GLN B 416 -9.02 -7.09 7.38
C GLN B 416 -8.53 -7.70 8.67
N PRO B 417 -9.39 -8.44 9.38
CA PRO B 417 -10.78 -8.74 9.08
C PRO B 417 -11.75 -7.65 9.51
N HIS B 418 -12.91 -7.59 8.88
CA HIS B 418 -13.90 -6.59 9.23
C HIS B 418 -15.00 -7.15 10.13
N TYR B 419 -15.13 -8.47 10.24
CA TYR B 419 -16.12 -9.14 11.06
C TYR B 419 -15.46 -10.20 11.93
N HIS B 420 -16.01 -10.41 13.13
CA HIS B 420 -15.41 -11.37 14.06
C HIS B 420 -15.41 -12.78 13.51
N ALA B 421 -16.34 -13.12 12.63
CA ALA B 421 -16.40 -14.44 12.04
C ALA B 421 -15.71 -14.52 10.70
N GLN B 422 -14.98 -13.49 10.31
CA GLN B 422 -14.23 -13.57 9.07
C GLN B 422 -13.10 -14.58 9.25
N LYS B 423 -12.95 -15.48 8.31
CA LYS B 423 -11.87 -16.44 8.41
C LYS B 423 -10.57 -15.84 7.91
N GLU B 424 -9.47 -16.47 8.30
CA GLU B 424 -8.14 -15.99 7.94
C GLU B 424 -7.99 -15.83 6.45
N ASN B 425 -8.57 -16.73 5.68
CA ASN B 425 -8.39 -16.68 4.24
C ASN B 425 -9.37 -15.79 3.53
N GLU B 426 -10.35 -15.24 4.24
CA GLU B 426 -11.43 -14.53 3.60
C GLU B 426 -11.13 -13.05 3.51
N GLY B 427 -11.69 -12.41 2.50
CA GLY B 427 -11.63 -10.97 2.37
C GLY B 427 -12.98 -10.38 2.06
N VAL B 428 -13.22 -9.19 2.60
CA VAL B 428 -14.49 -8.50 2.43
C VAL B 428 -14.21 -7.05 2.08
N PHE B 429 -15.07 -6.49 1.22
CA PHE B 429 -15.08 -5.06 1.00
C PHE B 429 -16.51 -4.65 0.66
N TRP B 430 -16.70 -3.35 0.45
CA TRP B 430 -18.01 -2.73 0.38
C TRP B 430 -18.02 -1.69 -0.74
N GLY B 431 -19.16 -1.53 -1.38
CA GLY B 431 -19.28 -0.53 -2.42
C GLY B 431 -20.67 0.05 -2.45
N TYR B 432 -20.78 1.25 -3.03
CA TYR B 432 -22.08 1.86 -3.21
C TYR B 432 -22.00 2.87 -4.34
N CYS B 433 -23.16 3.20 -4.88
CA CYS B 433 -23.28 4.19 -5.92
C CYS B 433 -24.34 5.21 -5.53
N LEU B 434 -24.26 6.38 -6.10
CA LEU B 434 -25.16 7.46 -5.75
C LEU B 434 -26.25 7.69 -6.77
N PHE B 435 -26.23 7.01 -7.90
CA PHE B 435 -27.26 7.14 -8.94
C PHE B 435 -27.70 5.76 -9.36
N PRO B 436 -28.41 5.05 -8.49
CA PRO B 436 -28.75 3.65 -8.76
C PRO B 436 -29.64 3.44 -9.94
N ARG B 437 -30.28 4.49 -10.44
CA ARG B 437 -31.19 4.30 -11.57
C ARG B 437 -30.46 4.32 -12.89
N LYS B 438 -29.28 4.91 -12.93
CA LYS B 438 -28.54 4.99 -14.18
C LYS B 438 -27.92 3.65 -14.54
N ASP B 439 -27.59 3.50 -15.81
CA ASP B 439 -26.96 2.30 -16.32
C ASP B 439 -25.51 2.21 -15.90
N GLY B 440 -25.03 0.99 -15.72
CA GLY B 440 -23.62 0.78 -15.49
C GLY B 440 -22.81 1.00 -16.75
N ASP B 441 -21.52 1.29 -16.56
CA ASP B 441 -20.65 1.48 -17.71
C ASP B 441 -20.29 0.16 -18.37
N TYR B 442 -20.08 -0.89 -17.57
CA TYR B 442 -19.70 -2.18 -18.13
C TYR B 442 -20.84 -3.19 -18.11
N VAL B 443 -21.64 -3.22 -17.06
CA VAL B 443 -22.90 -3.95 -17.05
C VAL B 443 -24.00 -2.96 -17.40
N LYS B 444 -24.58 -3.09 -18.60
CA LYS B 444 -25.38 -2.02 -19.18
C LYS B 444 -26.86 -2.16 -18.79
N LYS B 445 -27.11 -2.04 -17.49
CA LYS B 445 -28.47 -2.02 -16.96
C LYS B 445 -28.45 -1.14 -15.73
N PRO B 446 -29.62 -0.75 -15.24
CA PRO B 446 -29.64 0.11 -14.05
C PRO B 446 -29.03 -0.62 -12.86
N PHE B 447 -28.18 0.09 -12.12
CA PHE B 447 -27.49 -0.52 -11.01
C PHE B 447 -28.46 -1.19 -10.06
N ILE B 448 -29.59 -0.54 -9.77
CA ILE B 448 -30.53 -1.10 -8.82
C ILE B 448 -31.16 -2.39 -9.33
N GLU B 449 -31.02 -2.70 -10.61
CA GLU B 449 -31.55 -3.94 -11.16
C GLU B 449 -30.50 -5.04 -11.25
N MET B 450 -29.28 -4.77 -10.82
CA MET B 450 -28.18 -5.72 -10.95
C MET B 450 -28.22 -6.78 -9.87
N THR B 451 -27.76 -7.97 -10.23
CA THR B 451 -27.46 -8.99 -9.24
C THR B 451 -26.20 -8.60 -8.48
N GLY B 452 -25.98 -9.26 -7.37
CA GLY B 452 -24.73 -9.08 -6.66
C GLY B 452 -23.53 -9.44 -7.51
N ARG B 453 -23.67 -10.42 -8.38
CA ARG B 453 -22.61 -10.73 -9.31
C ARG B 453 -22.36 -9.56 -10.24
N GLU B 454 -23.43 -9.03 -10.84
CA GLU B 454 -23.28 -7.95 -11.80
C GLU B 454 -22.69 -6.71 -11.16
N MET B 455 -22.99 -6.45 -9.90
CA MET B 455 -22.39 -5.30 -9.26
C MET B 455 -20.89 -5.46 -9.12
N LEU B 456 -20.43 -6.66 -8.80
CA LEU B 456 -19.01 -6.92 -8.77
C LEU B 456 -18.41 -6.79 -10.16
N GLU B 457 -19.08 -7.35 -11.16
CA GLU B 457 -18.55 -7.27 -12.51
C GLU B 457 -18.41 -5.82 -12.95
N GLU B 458 -19.38 -4.99 -12.62
CA GLU B 458 -19.27 -3.58 -12.95
C GLU B 458 -18.10 -2.95 -12.22
N THR B 459 -17.87 -3.37 -10.98
CA THR B 459 -16.75 -2.82 -10.23
C THR B 459 -15.43 -3.26 -10.83
N LEU B 460 -15.31 -4.53 -11.21
CA LEU B 460 -14.07 -5.00 -11.83
C LEU B 460 -13.77 -4.23 -13.09
N GLY B 461 -14.78 -3.98 -13.91
CA GLY B 461 -14.57 -3.20 -15.12
C GLY B 461 -13.86 -1.90 -14.84
N HIS B 462 -14.25 -1.20 -13.79
CA HIS B 462 -13.59 0.05 -13.47
C HIS B 462 -12.19 -0.20 -12.93
N LEU B 463 -12.02 -1.25 -12.13
CA LEU B 463 -10.71 -1.60 -11.63
C LEU B 463 -9.80 -2.04 -12.78
N GLU B 464 -10.32 -2.89 -13.66
CA GLU B 464 -9.52 -3.32 -14.79
C GLU B 464 -9.11 -2.14 -15.65
N ALA B 465 -9.98 -1.15 -15.77
CA ALA B 465 -9.67 0.02 -16.59
C ALA B 465 -8.50 0.82 -16.03
N LEU B 466 -8.33 0.83 -14.72
CA LEU B 466 -7.22 1.54 -14.10
C LEU B 466 -5.95 0.70 -14.08
N ASP B 467 -6.07 -0.59 -14.32
CA ASP B 467 -4.99 -1.54 -14.17
C ASP B 467 -4.23 -1.63 -15.49
N GLU B 468 -3.02 -1.09 -15.51
CA GLU B 468 -2.24 -1.09 -16.74
C GLU B 468 -1.76 -2.48 -17.09
N SER B 469 -1.40 -3.26 -16.07
CA SER B 469 -0.89 -4.60 -16.28
C SER B 469 -1.86 -5.52 -16.98
N GLY B 470 -3.15 -5.25 -16.90
CA GLY B 470 -4.07 -6.26 -17.38
C GLY B 470 -4.11 -7.51 -16.55
N THR B 471 -3.44 -7.52 -15.39
CA THR B 471 -3.37 -8.72 -14.57
C THR B 471 -4.74 -9.11 -14.04
N LEU B 472 -5.44 -8.15 -13.43
CA LEU B 472 -6.75 -8.42 -12.86
C LEU B 472 -7.70 -8.93 -13.92
N ALA B 473 -7.73 -8.28 -15.07
CA ALA B 473 -8.59 -8.74 -16.15
C ALA B 473 -8.25 -10.16 -16.54
N ALA B 474 -6.96 -10.50 -16.54
CA ALA B 474 -6.56 -11.85 -16.90
C ALA B 474 -7.06 -12.87 -15.89
N ARG B 475 -7.05 -12.50 -14.61
CA ARG B 475 -7.45 -13.42 -13.56
C ARG B 475 -8.94 -13.41 -13.31
N ARG B 476 -9.74 -12.96 -14.28
CA ARG B 476 -11.17 -12.82 -14.03
C ARG B 476 -11.77 -14.12 -13.54
N GLN B 477 -11.58 -15.19 -14.29
CA GLN B 477 -12.19 -16.46 -13.91
C GLN B 477 -11.81 -16.85 -12.50
N GLU B 478 -10.55 -16.64 -12.14
CA GLU B 478 -10.10 -17.07 -10.83
C GLU B 478 -10.67 -16.17 -9.74
N ILE B 479 -10.76 -14.88 -10.03
CA ILE B 479 -11.36 -13.94 -9.07
C ILE B 479 -12.78 -14.37 -8.76
N MET B 480 -13.59 -14.57 -9.80
CA MET B 480 -14.98 -14.91 -9.58
C MET B 480 -15.13 -16.23 -8.86
N ASP B 481 -14.25 -17.19 -9.10
CA ASP B 481 -14.33 -18.43 -8.37
C ASP B 481 -14.10 -18.23 -6.89
N SER B 482 -13.42 -17.15 -6.49
CA SER B 482 -13.15 -16.95 -5.08
C SER B 482 -14.30 -16.28 -4.34
N VAL B 483 -15.38 -15.93 -5.03
CA VAL B 483 -16.44 -15.13 -4.44
C VAL B 483 -17.36 -16.03 -3.62
N VAL B 484 -17.49 -15.72 -2.33
CA VAL B 484 -18.46 -16.42 -1.51
C VAL B 484 -19.85 -15.85 -1.72
N ASN B 485 -19.96 -14.53 -1.71
CA ASN B 485 -21.22 -13.87 -2.03
C ASN B 485 -20.95 -12.41 -2.37
N SER B 486 -21.93 -11.82 -3.04
CA SER B 486 -21.97 -10.39 -3.30
C SER B 486 -23.41 -9.98 -3.09
N ILE B 487 -23.68 -9.28 -2.00
CA ILE B 487 -25.06 -9.09 -1.55
C ILE B 487 -25.46 -7.64 -1.80
N PRO B 488 -26.28 -7.38 -2.80
CA PRO B 488 -26.77 -6.02 -3.02
C PRO B 488 -27.73 -5.61 -1.94
N SER B 489 -27.73 -4.32 -1.63
CA SER B 489 -28.46 -3.81 -0.48
C SER B 489 -29.01 -2.43 -0.84
N HIS B 490 -30.31 -2.35 -1.10
CA HIS B 490 -30.94 -1.11 -1.51
C HIS B 490 -31.64 -0.46 -0.34
N MET B 491 -31.42 0.83 -0.17
CA MET B 491 -31.93 1.58 0.99
C MET B 491 -32.62 2.85 0.50
N PRO B 492 -33.94 2.85 0.38
CA PRO B 492 -34.62 4.02 -0.18
C PRO B 492 -34.49 5.27 0.65
N TYR B 493 -34.18 5.16 1.94
CA TYR B 493 -34.12 6.32 2.81
C TYR B 493 -32.71 6.51 3.35
N ALA B 494 -31.71 6.02 2.64
CA ALA B 494 -30.34 6.03 3.15
C ALA B 494 -29.86 7.44 3.42
N SER B 495 -30.23 8.37 2.56
CA SER B 495 -29.85 9.76 2.75
C SER B 495 -31.05 10.65 3.06
N ALA B 496 -32.16 10.06 3.49
CA ALA B 496 -33.34 10.83 3.83
C ALA B 496 -33.05 11.86 4.90
N LEU B 497 -32.10 11.60 5.78
CA LEU B 497 -31.74 12.61 6.75
C LEU B 497 -31.15 13.85 6.10
N PHE B 498 -30.81 13.77 4.82
CA PHE B 498 -30.26 14.89 4.08
C PHE B 498 -31.27 15.60 3.22
N ASN B 499 -32.54 15.18 3.24
CA ASN B 499 -33.53 15.77 2.36
C ASN B 499 -33.66 17.26 2.64
N ARG B 500 -34.13 17.98 1.62
CA ARG B 500 -34.38 19.40 1.78
C ARG B 500 -35.36 19.63 2.92
N ARG B 501 -34.99 20.52 3.83
CA ARG B 501 -35.77 20.70 5.03
C ARG B 501 -35.84 22.17 5.40
N ALA B 502 -36.87 22.52 6.14
CA ALA B 502 -36.99 23.82 6.76
C ALA B 502 -36.86 23.64 8.26
N VAL B 503 -36.33 24.65 8.94
CA VAL B 503 -36.34 24.61 10.40
C VAL B 503 -37.78 24.45 10.84
N GLY B 504 -38.01 23.58 11.80
CA GLY B 504 -39.34 23.22 12.20
C GLY B 504 -39.90 22.00 11.51
N ASP B 505 -39.23 21.49 10.48
CA ASP B 505 -39.60 20.20 9.91
C ASP B 505 -39.24 19.03 10.81
N ARG B 506 -38.33 19.22 11.72
CA ARG B 506 -38.00 18.15 12.61
C ARG B 506 -38.46 18.50 14.01
N PRO B 507 -39.07 17.58 14.73
CA PRO B 507 -39.49 17.86 16.10
C PRO B 507 -38.31 18.09 16.99
N LEU B 508 -38.49 18.90 18.01
CA LEU B 508 -37.45 19.03 19.00
C LEU B 508 -37.21 17.68 19.65
N VAL B 509 -36.01 17.51 20.19
CA VAL B 509 -35.73 16.29 20.94
C VAL B 509 -36.76 16.14 22.05
N VAL B 510 -37.00 17.20 22.79
CA VAL B 510 -38.12 17.29 23.72
C VAL B 510 -38.97 18.47 23.27
N PRO B 511 -40.11 18.21 22.62
CA PRO B 511 -40.95 19.31 22.14
C PRO B 511 -41.31 20.29 23.24
N LYS B 512 -41.71 21.50 22.86
CA LYS B 512 -41.77 22.59 23.83
C LYS B 512 -42.73 22.29 24.97
N HIS B 513 -43.78 21.52 24.72
CA HIS B 513 -44.73 21.17 25.77
C HIS B 513 -44.82 19.66 26.00
N SER B 514 -43.78 18.92 25.66
CA SER B 514 -43.77 17.49 25.89
C SER B 514 -43.35 17.19 27.32
N LYS B 515 -44.18 16.43 28.03
CA LYS B 515 -43.89 16.07 29.41
C LYS B 515 -43.07 14.79 29.51
N ASN B 516 -43.30 13.84 28.62
CA ASN B 516 -42.65 12.54 28.76
C ASN B 516 -42.40 11.88 27.40
N LEU B 517 -42.44 12.60 26.30
CA LEU B 517 -42.10 12.05 25.00
C LEU B 517 -40.87 12.76 24.45
N ALA B 518 -39.87 11.99 24.04
CA ALA B 518 -38.67 12.53 23.43
C ALA B 518 -38.39 11.80 22.14
N PHE B 519 -37.75 12.48 21.20
CA PHE B 519 -37.41 11.91 19.92
C PHE B 519 -35.90 11.81 19.82
N ILE B 520 -35.40 10.61 19.62
CA ILE B 520 -33.98 10.33 19.56
C ILE B 520 -33.73 9.64 18.24
N SER B 521 -33.20 10.36 17.27
CA SER B 521 -33.11 9.88 15.90
C SER B 521 -32.27 10.87 15.12
N GLN B 522 -32.07 10.56 13.85
CA GLN B 522 -31.48 11.46 12.88
C GLN B 522 -32.52 12.31 12.18
N PHE B 523 -33.72 12.40 12.75
CA PHE B 523 -34.79 13.19 12.21
C PHE B 523 -35.43 14.02 13.31
N ALA B 524 -34.64 14.35 14.33
CA ALA B 524 -35.00 15.27 15.39
C ALA B 524 -34.14 16.51 15.25
N GLU B 525 -34.59 17.60 15.86
CA GLU B 525 -33.92 18.88 15.69
C GLU B 525 -32.92 19.10 16.80
N LEU B 526 -31.69 19.40 16.40
CA LEU B 526 -30.57 19.59 17.26
C LEU B 526 -29.73 20.67 16.61
N PRO B 527 -29.12 21.56 17.38
CA PRO B 527 -28.25 22.57 16.78
C PRO B 527 -26.84 22.07 16.57
N PHE B 528 -26.15 22.72 15.65
CA PHE B 528 -24.70 22.58 15.49
C PHE B 528 -24.27 21.27 14.85
N ASP B 529 -24.68 20.15 15.42
CA ASP B 529 -24.18 18.84 15.03
C ASP B 529 -24.58 18.46 13.62
N MET B 530 -23.72 17.69 12.98
CA MET B 530 -23.96 17.13 11.65
C MET B 530 -24.90 15.96 11.77
N VAL B 531 -25.93 15.91 10.93
CA VAL B 531 -26.87 14.82 11.07
C VAL B 531 -26.29 13.48 10.60
N PHE B 532 -25.24 13.51 9.77
CA PHE B 532 -24.67 12.28 9.24
C PHE B 532 -24.10 11.40 10.33
N THR B 533 -23.61 11.99 11.39
CA THR B 533 -22.78 11.30 12.35
C THR B 533 -23.59 10.53 13.37
N GLU B 534 -23.01 9.41 13.83
CA GLU B 534 -23.55 8.71 14.99
C GLU B 534 -23.59 9.61 16.21
N GLN B 535 -22.71 10.59 16.28
CA GLN B 535 -22.72 11.53 17.40
C GLN B 535 -24.08 12.20 17.55
N TYR B 536 -24.79 12.42 16.44
CA TYR B 536 -26.04 13.14 16.49
C TYR B 536 -27.05 12.43 17.38
N SER B 537 -27.30 11.16 17.10
CA SER B 537 -28.28 10.40 17.88
C SER B 537 -27.87 10.30 19.33
N VAL B 538 -26.57 10.18 19.61
CA VAL B 538 -26.16 10.12 21.01
C VAL B 538 -26.44 11.44 21.69
N ARG B 539 -26.29 12.54 20.98
CA ARG B 539 -26.52 13.85 21.58
C ARG B 539 -28.00 14.04 21.88
N CYS B 540 -28.88 13.62 20.97
CA CYS B 540 -30.30 13.60 21.27
C CYS B 540 -30.56 12.89 22.59
N ALA B 541 -29.92 11.76 22.79
CA ALA B 541 -30.16 10.97 23.99
C ALA B 541 -29.80 11.75 25.24
N GLN B 542 -28.65 12.40 25.25
CA GLN B 542 -28.30 13.16 26.45
C GLN B 542 -29.23 14.35 26.65
N VAL B 543 -29.62 15.02 25.56
CA VAL B 543 -30.52 16.15 25.68
C VAL B 543 -31.83 15.73 26.31
N ALA B 544 -32.42 14.64 25.80
CA ALA B 544 -33.68 14.14 26.33
C ALA B 544 -33.54 13.64 27.75
N VAL B 545 -32.57 12.77 28.01
CA VAL B 545 -32.48 12.18 29.32
C VAL B 545 -32.22 13.24 30.38
N TYR B 546 -31.32 14.17 30.09
CA TYR B 546 -31.02 15.20 31.07
C TYR B 546 -32.21 16.12 31.30
N LYS B 547 -32.99 16.39 30.26
CA LYS B 547 -34.17 17.23 30.44
C LYS B 547 -35.21 16.52 31.29
N PHE B 548 -35.51 15.27 30.96
CA PHE B 548 -36.48 14.51 31.72
C PHE B 548 -36.07 14.35 33.17
N LEU B 549 -34.78 14.27 33.43
CA LEU B 549 -34.32 14.07 34.79
C LEU B 549 -34.05 15.38 35.52
N GLY B 550 -34.12 16.50 34.82
CA GLY B 550 -33.88 17.77 35.47
C GLY B 550 -32.43 18.16 35.58
N ILE B 551 -31.57 17.59 34.76
CA ILE B 551 -30.16 17.98 34.76
C ILE B 551 -29.99 19.24 33.92
N PRO B 552 -29.41 20.30 34.47
CA PRO B 552 -29.31 21.55 33.72
C PRO B 552 -28.38 21.40 32.52
N GLU B 553 -28.60 22.26 31.53
CA GLU B 553 -27.88 22.07 30.27
C GLU B 553 -26.42 22.41 30.35
N ASP B 554 -25.97 23.13 31.37
CA ASP B 554 -24.54 23.37 31.45
C ASP B 554 -23.78 22.10 31.77
N LYS B 555 -24.47 21.05 32.20
CA LYS B 555 -23.86 19.74 32.42
C LYS B 555 -23.93 18.84 31.20
N LEU B 556 -24.53 19.30 30.11
CA LEU B 556 -24.45 18.52 28.89
C LEU B 556 -23.00 18.47 28.42
N THR B 557 -22.68 17.45 27.65
CA THR B 557 -21.32 17.28 27.20
C THR B 557 -20.90 18.44 26.32
N LYS B 558 -19.75 19.03 26.62
CA LYS B 558 -19.28 20.21 25.92
C LYS B 558 -18.70 19.82 24.57
N MET B 559 -19.18 20.46 23.52
CA MET B 559 -18.72 20.21 22.17
C MET B 559 -17.65 21.20 21.76
N HIS B 560 -16.71 20.74 20.93
CA HIS B 560 -15.65 21.61 20.45
C HIS B 560 -16.18 22.60 19.44
N HIS B 561 -15.72 23.84 19.53
CA HIS B 561 -16.07 24.89 18.59
C HIS B 561 -14.78 25.41 17.95
N TYR B 562 -14.24 24.61 17.04
CA TYR B 562 -13.02 25.01 16.36
C TYR B 562 -13.27 26.18 15.42
N GLU B 563 -14.53 26.39 15.01
CA GLU B 563 -14.83 27.45 14.07
C GLU B 563 -14.74 28.83 14.69
N LYS B 564 -14.49 28.92 15.99
CA LYS B 564 -14.25 30.19 16.65
C LYS B 564 -12.79 30.43 16.98
N ASP B 565 -11.90 29.49 16.63
CA ASP B 565 -10.47 29.75 16.74
C ASP B 565 -10.01 30.53 15.52
N PRO B 566 -9.46 31.73 15.69
CA PRO B 566 -9.06 32.51 14.52
C PRO B 566 -8.05 31.80 13.66
N LYS B 567 -7.14 31.05 14.28
CA LYS B 567 -6.15 30.31 13.51
C LYS B 567 -6.80 29.26 12.64
N VAL B 568 -7.79 28.56 13.19
CA VAL B 568 -8.49 27.54 12.41
C VAL B 568 -9.20 28.17 11.24
N LEU B 569 -9.92 29.26 11.49
CA LEU B 569 -10.57 29.99 10.41
C LEU B 569 -9.57 30.45 9.39
N ALA B 570 -8.44 30.99 9.85
CA ALA B 570 -7.38 31.41 8.94
C ALA B 570 -6.94 30.27 8.05
N LYS B 571 -6.56 29.14 8.67
CA LYS B 571 -6.14 27.98 7.89
C LYS B 571 -7.26 27.51 6.97
N ALA B 572 -8.49 27.56 7.45
CA ALA B 572 -9.60 27.19 6.58
C ALA B 572 -9.67 28.11 5.38
N ALA B 573 -9.51 29.41 5.60
CA ALA B 573 -9.54 30.35 4.50
C ALA B 573 -8.44 30.06 3.49
N VAL B 574 -7.23 29.77 3.99
CA VAL B 574 -6.13 29.47 3.08
C VAL B 574 -6.44 28.23 2.26
N THR B 575 -7.03 27.23 2.89
CA THR B 575 -7.37 26.01 2.19
C THR B 575 -8.31 26.25 1.03
N MET B 576 -9.08 27.33 1.06
CA MET B 576 -9.98 27.64 -0.04
C MET B 576 -9.24 27.75 -1.36
N PHE B 577 -7.99 28.20 -1.31
CA PHE B 577 -7.22 28.42 -2.52
C PHE B 577 -6.34 27.23 -2.91
N ARG B 578 -6.28 26.18 -2.09
CA ARG B 578 -5.42 25.04 -2.38
C ARG B 578 -5.75 24.34 -3.70
#